data_5UM6
#
_entry.id   5UM6
#
_cell.length_a   145.102
_cell.length_b   145.102
_cell.length_c   145.102
_cell.angle_alpha   90.00
_cell.angle_beta   90.00
_cell.angle_gamma   90.00
#
_symmetry.space_group_name_H-M   'P 21 3'
#
loop_
_entity.id
_entity.type
_entity.pdbx_description
1 polymer 'Ubiquitin-activating enzyme E1 1'
2 non-polymer 'SULFATE ION'
3 non-polymer N-(2-{[(4-chlorophenyl)methyl]disulfanyl}ethyl)decan-1-amine
4 non-polymer 2-(decylamino)ethane-1-thiol
#
_entity_poly.entity_id   1
_entity_poly.type   'polypeptide(L)'
_entity_poly.pdbx_seq_one_letter_code
;NTIDEGLYSRQLYVLGHEAMKQMSQSNVLIIGCKGLGVEIAKNVCLAGVKSVTLYDPQPTRIEDLSSQYFLTEDDIGVPR
AKVTVSKLAELNQYVPVSVVDELSTEYLKNFKCVVVTETSLTKQLEINDFTHKNHIAYIAADSRGLFGSIFCDFGENFIC
TDTDGNEPLTGMIASITDDGVVTMLEETRHGLENGDFVKFTEVKGMPGLNDGTPRKVEVKGPYTFSIGSVKDLGSAGYNG
VFTQVKVPTKISFKSLRESLKDPEYVYPDFGKMMRPPQYHIAFQALSAFADAHEGSLPRPRNDIDAAEFFEFCKKIASTL
QFDVELDEKLIKEISYQARGDLVAMSAFLGGAVAQEVLKATTSKFYPLKQYFYFDSLESLPSSVTISEETCKPRGCRYDG
QIAVFGSEFQEKIASLSTFLVGAGAIGCEMLKNWAMMGVATGESGHISVTDMDSIEKSNLNRQFLFRPRDVGKLKSECAS
TAVSIMNPSLTGKITSYQERVGPESEGIFGDEFFEKLSLVTNALDNVEARMYVDRRCVFFEKPLLESGTLGTKGNTQVVV
PHLTESYGSSQDPPEKSFPIATLKNFPNRIEHTIAWARDLFEGLFKQPIDNVNMYLSSPNFLETSLKTSSNPREVLENIR
DYLVTEKPLSFEECIMWARLQFDKFFNNNIQQLLFNFPKDSVTSTGQPFWSGPKRAPTPLSFDIHNREHFDFIVAAASLY
AFNYGLKSETDPAIYERVLAGYNPPPFAPKSGIKIQVNENEEAPETAANKDKQELKSIADSLPPPSSLVGFRLTPAEFEK
DDDSNHHIDFITAASNLRAMNYDITPADRFKTKFVAGKIVPAMCTSTAVVSGLVCLELVKLVDGKKKIEEYKNGFFNLAI
GLFTFSDPIASPKMKVNGKEIDKIWDRYNLPDCTLQELIDYFQKEEGLEVTMLSSGVSLLYANFQPPKKLAERLPLKISE
LVEQITKKKLEPFRKHLVLEICCDDANGEDVEVPFICIKL
;
_entity_poly.pdbx_strand_id   A
#
loop_
_chem_comp.id
_chem_comp.type
_chem_comp.name
_chem_comp.formula
8E7 non-polymer 2-(decylamino)ethane-1-thiol 'C12 H27 N S'
8EA non-polymer N-(2-{[(4-chlorophenyl)methyl]disulfanyl}ethyl)decan-1-amine 'C19 H32 Cl N S2'
SO4 non-polymer 'SULFATE ION' 'O4 S -2'
#
# COMPACT_ATOMS: atom_id res chain seq x y z
N GLN A 25 -8.09 -5.60 -21.67
CA GLN A 25 -7.26 -6.48 -22.49
C GLN A 25 -6.03 -6.92 -21.72
N SER A 26 -6.08 -6.75 -20.40
CA SER A 26 -4.91 -6.97 -19.55
C SER A 26 -5.00 -8.34 -18.87
N ASN A 27 -4.80 -9.38 -19.68
CA ASN A 27 -4.75 -10.75 -19.17
C ASN A 27 -3.33 -11.04 -18.72
N VAL A 28 -3.20 -11.67 -17.55
CA VAL A 28 -1.90 -11.95 -16.94
C VAL A 28 -1.79 -13.44 -16.67
N LEU A 29 -0.72 -14.05 -17.18
CA LEU A 29 -0.37 -15.42 -16.84
C LEU A 29 0.78 -15.40 -15.85
N ILE A 30 0.67 -16.25 -14.83
CA ILE A 30 1.68 -16.35 -13.77
C ILE A 30 2.14 -17.80 -13.68
N ILE A 31 3.41 -18.03 -13.99
CA ILE A 31 4.01 -19.36 -13.97
C ILE A 31 4.68 -19.57 -12.62
N GLY A 32 4.25 -20.59 -11.89
CA GLY A 32 4.83 -20.89 -10.59
C GLY A 32 4.00 -20.35 -9.44
N CYS A 33 3.63 -21.23 -8.52
CA CYS A 33 2.79 -20.82 -7.39
C CYS A 33 3.45 -21.14 -6.05
N LYS A 34 4.72 -20.81 -5.91
CA LYS A 34 5.38 -20.89 -4.62
C LYS A 34 5.15 -19.57 -3.86
N GLY A 35 6.04 -19.24 -2.93
CA GLY A 35 5.85 -18.02 -2.16
C GLY A 35 5.89 -16.77 -3.02
N LEU A 36 6.80 -16.73 -3.98
CA LEU A 36 6.92 -15.55 -4.84
C LEU A 36 5.70 -15.39 -5.74
N GLY A 37 5.33 -16.46 -6.44
CA GLY A 37 4.25 -16.36 -7.42
C GLY A 37 2.90 -16.07 -6.79
N VAL A 38 2.65 -16.59 -5.59
CA VAL A 38 1.36 -16.36 -4.95
C VAL A 38 1.27 -14.92 -4.43
N GLU A 39 2.41 -14.30 -4.14
CA GLU A 39 2.38 -12.89 -3.74
C GLU A 39 2.10 -12.00 -4.94
N ILE A 40 2.75 -12.28 -6.07
CA ILE A 40 2.50 -11.51 -7.29
C ILE A 40 1.04 -11.60 -7.69
N ALA A 41 0.46 -12.80 -7.64
CA ALA A 41 -0.93 -12.97 -8.00
C ALA A 41 -1.85 -12.24 -7.03
N LYS A 42 -1.55 -12.31 -5.74
CA LYS A 42 -2.32 -11.57 -4.75
C LYS A 42 -2.41 -10.09 -5.09
N ASN A 43 -1.27 -9.49 -5.44
CA ASN A 43 -1.25 -8.05 -5.73
C ASN A 43 -1.89 -7.75 -7.08
N VAL A 44 -1.67 -8.63 -8.07
CA VAL A 44 -2.24 -8.42 -9.38
C VAL A 44 -3.77 -8.53 -9.33
N CYS A 45 -4.28 -9.47 -8.53
CA CYS A 45 -5.72 -9.58 -8.36
C CYS A 45 -6.28 -8.37 -7.60
N LEU A 46 -5.60 -7.95 -6.54
CA LEU A 46 -6.08 -6.79 -5.78
C LEU A 46 -5.92 -5.50 -6.55
N ALA A 47 -4.96 -5.45 -7.50
CA ALA A 47 -4.82 -4.27 -8.34
C ALA A 47 -5.92 -4.19 -9.38
N GLY A 48 -6.45 -5.34 -9.81
CA GLY A 48 -7.61 -5.35 -10.68
C GLY A 48 -7.29 -5.40 -12.16
N VAL A 49 -6.61 -6.46 -12.60
CA VAL A 49 -6.39 -6.69 -14.02
C VAL A 49 -7.63 -7.40 -14.58
N LYS A 50 -7.61 -7.70 -15.88
CA LYS A 50 -8.77 -8.34 -16.49
C LYS A 50 -8.96 -9.75 -15.97
N SER A 51 -7.90 -10.55 -15.98
CA SER A 51 -7.99 -11.93 -15.50
C SER A 51 -6.58 -12.41 -15.16
N VAL A 52 -6.52 -13.43 -14.30
CA VAL A 52 -5.27 -14.07 -13.90
C VAL A 52 -5.40 -15.56 -14.15
N THR A 53 -4.39 -16.15 -14.79
CA THR A 53 -4.30 -17.58 -15.00
C THR A 53 -3.02 -18.09 -14.36
N LEU A 54 -3.12 -19.18 -13.61
CA LEU A 54 -1.98 -19.75 -12.89
C LEU A 54 -1.52 -21.03 -13.57
N TYR A 55 -0.23 -21.32 -13.43
CA TYR A 55 0.35 -22.58 -13.90
C TYR A 55 1.34 -23.08 -12.85
N ASP A 56 0.98 -24.18 -12.18
CA ASP A 56 1.91 -24.88 -11.30
C ASP A 56 1.37 -26.26 -11.00
N PRO A 57 1.69 -27.27 -11.83
CA PRO A 57 1.19 -28.63 -11.58
C PRO A 57 1.91 -29.38 -10.48
N GLN A 58 3.01 -28.84 -9.96
CA GLN A 58 3.83 -29.60 -9.03
C GLN A 58 3.08 -29.82 -7.71
N PRO A 59 3.27 -30.98 -7.07
CA PRO A 59 2.57 -31.24 -5.81
C PRO A 59 3.13 -30.39 -4.67
N THR A 60 2.23 -30.04 -3.75
CA THR A 60 2.62 -29.24 -2.59
C THR A 60 3.51 -30.06 -1.66
N ARG A 61 4.69 -29.53 -1.36
CA ARG A 61 5.60 -30.09 -0.39
C ARG A 61 5.42 -29.39 0.96
N ILE A 62 6.15 -29.87 1.98
CA ILE A 62 6.05 -29.24 3.30
C ILE A 62 6.88 -27.95 3.36
N GLU A 63 7.98 -27.89 2.61
CA GLU A 63 8.87 -26.73 2.67
C GLU A 63 8.34 -25.53 1.91
N ASP A 64 7.18 -25.64 1.26
CA ASP A 64 6.58 -24.53 0.56
C ASP A 64 5.74 -23.65 1.47
N LEU A 65 5.35 -24.13 2.64
CA LEU A 65 4.59 -23.35 3.62
C LEU A 65 5.46 -22.35 4.36
N SER A 66 6.68 -22.10 3.90
CA SER A 66 7.50 -21.05 4.48
C SER A 66 7.08 -19.66 4.00
N SER A 67 6.42 -19.58 2.85
CA SER A 67 6.04 -18.29 2.27
C SER A 67 4.74 -18.38 1.48
N GLN A 68 4.21 -19.59 1.30
CA GLN A 68 2.95 -19.79 0.58
C GLN A 68 1.82 -19.83 1.60
N TYR A 69 1.21 -18.67 1.85
CA TYR A 69 0.17 -18.56 2.86
C TYR A 69 -1.16 -19.13 2.41
N PHE A 70 -1.29 -19.54 1.14
CA PHE A 70 -2.52 -20.13 0.64
C PHE A 70 -2.45 -21.65 0.56
N LEU A 71 -1.43 -22.26 1.17
CA LEU A 71 -1.31 -23.71 1.24
C LEU A 71 -1.31 -24.12 2.71
N THR A 72 -2.14 -25.10 3.06
CA THR A 72 -2.24 -25.57 4.43
C THR A 72 -1.49 -26.89 4.59
N GLU A 73 -1.52 -27.43 5.80
CA GLU A 73 -0.79 -28.66 6.11
C GLU A 73 -1.35 -29.84 5.33
N ASP A 74 -2.67 -30.05 5.41
CA ASP A 74 -3.34 -31.16 4.73
C ASP A 74 -3.67 -30.84 3.27
N ASP A 75 -2.95 -29.90 2.64
CA ASP A 75 -2.98 -29.71 1.19
C ASP A 75 -1.77 -30.32 0.52
N ILE A 76 -0.89 -30.98 1.28
CA ILE A 76 0.32 -31.56 0.72
C ILE A 76 -0.05 -32.68 -0.24
N GLY A 77 0.50 -32.64 -1.45
CA GLY A 77 0.23 -33.66 -2.43
C GLY A 77 -0.49 -33.14 -3.65
N VAL A 78 -1.40 -32.18 -3.45
CA VAL A 78 -2.19 -31.63 -4.55
C VAL A 78 -1.36 -30.61 -5.30
N PRO A 79 -1.66 -30.34 -6.58
CA PRO A 79 -0.92 -29.29 -7.30
C PRO A 79 -1.14 -27.92 -6.67
N ARG A 80 -0.05 -27.15 -6.59
CA ARG A 80 -0.09 -25.86 -5.90
C ARG A 80 -1.07 -24.89 -6.55
N ALA A 81 -1.24 -24.95 -7.85
CA ALA A 81 -2.11 -23.99 -8.52
C ALA A 81 -3.58 -24.26 -8.24
N LYS A 82 -3.96 -25.54 -8.16
CA LYS A 82 -5.36 -25.87 -7.93
C LYS A 82 -5.81 -25.48 -6.52
N VAL A 83 -4.95 -25.67 -5.52
CA VAL A 83 -5.34 -25.37 -4.16
C VAL A 83 -5.38 -23.85 -3.92
N THR A 84 -4.55 -23.10 -4.63
CA THR A 84 -4.42 -21.67 -4.38
C THR A 84 -5.40 -20.82 -5.17
N VAL A 85 -6.02 -21.37 -6.22
CA VAL A 85 -6.87 -20.56 -7.08
C VAL A 85 -8.13 -20.12 -6.35
N SER A 86 -8.69 -20.99 -5.50
CA SER A 86 -9.90 -20.65 -4.79
C SER A 86 -9.65 -19.55 -3.77
N LYS A 87 -8.43 -19.47 -3.23
CA LYS A 87 -8.09 -18.40 -2.32
C LYS A 87 -7.79 -17.10 -3.06
N LEU A 88 -7.29 -17.20 -4.29
CA LEU A 88 -7.09 -16.01 -5.11
C LEU A 88 -8.40 -15.43 -5.58
N ALA A 89 -9.31 -16.29 -6.07
CA ALA A 89 -10.59 -15.80 -6.57
C ALA A 89 -11.37 -15.07 -5.49
N GLU A 90 -11.13 -15.39 -4.22
CA GLU A 90 -11.80 -14.73 -3.10
C GLU A 90 -11.25 -13.34 -2.83
N LEU A 91 -10.13 -12.97 -3.45
CA LEU A 91 -9.54 -11.66 -3.20
C LEU A 91 -10.37 -10.54 -3.82
N ASN A 92 -10.58 -10.60 -5.13
CA ASN A 92 -11.28 -9.55 -5.87
C ASN A 92 -12.36 -10.20 -6.72
N GLN A 93 -13.62 -9.77 -6.52
CA GLN A 93 -14.73 -10.38 -7.23
C GLN A 93 -14.77 -10.00 -8.71
N TYR A 94 -14.05 -8.95 -9.09
CA TYR A 94 -14.01 -8.49 -10.47
C TYR A 94 -12.77 -8.97 -11.21
N VAL A 95 -12.05 -9.94 -10.65
CA VAL A 95 -10.88 -10.51 -11.30
C VAL A 95 -11.04 -12.02 -11.38
N PRO A 96 -11.44 -12.56 -12.52
CA PRO A 96 -11.56 -14.03 -12.64
C PRO A 96 -10.20 -14.69 -12.62
N VAL A 97 -10.09 -15.75 -11.81
CA VAL A 97 -8.84 -16.49 -11.67
C VAL A 97 -9.08 -17.92 -12.15
N SER A 98 -8.13 -18.45 -12.93
CA SER A 98 -8.24 -19.77 -13.52
C SER A 98 -6.88 -20.46 -13.47
N VAL A 99 -6.89 -21.76 -13.73
CA VAL A 99 -5.70 -22.61 -13.71
C VAL A 99 -5.56 -23.29 -15.06
N VAL A 100 -4.32 -23.42 -15.53
CA VAL A 100 -4.01 -24.27 -16.67
C VAL A 100 -3.17 -25.43 -16.16
N ASP A 101 -3.50 -26.63 -16.64
CA ASP A 101 -2.72 -27.83 -16.34
C ASP A 101 -1.69 -28.12 -17.41
N GLU A 102 -1.79 -27.47 -18.56
CA GLU A 102 -0.87 -27.62 -19.68
C GLU A 102 -0.50 -26.23 -20.18
N LEU A 103 0.61 -26.16 -20.92
CA LEU A 103 1.13 -24.87 -21.37
C LEU A 103 1.62 -25.01 -22.81
N SER A 104 0.96 -24.30 -23.72
CA SER A 104 1.35 -24.24 -25.12
C SER A 104 2.09 -22.94 -25.41
N THR A 105 2.90 -22.96 -26.46
CA THR A 105 3.64 -21.76 -26.84
C THR A 105 2.71 -20.72 -27.45
N GLU A 106 1.73 -21.16 -28.24
CA GLU A 106 0.78 -20.23 -28.84
C GLU A 106 -0.29 -19.77 -27.86
N TYR A 107 -0.52 -20.55 -26.79
CA TYR A 107 -1.46 -20.13 -25.74
C TYR A 107 -1.00 -18.85 -25.05
N LEU A 108 0.30 -18.53 -25.08
CA LEU A 108 0.78 -17.31 -24.46
C LEU A 108 0.24 -16.05 -25.11
N LYS A 109 -0.29 -16.14 -26.34
CA LYS A 109 -0.82 -14.95 -26.99
C LYS A 109 -2.12 -14.48 -26.36
N ASN A 110 -2.77 -15.31 -25.54
CA ASN A 110 -3.95 -14.88 -24.79
C ASN A 110 -3.63 -13.95 -23.64
N PHE A 111 -2.40 -13.44 -23.50
CA PHE A 111 -2.02 -12.67 -22.32
C PHE A 111 -1.21 -11.45 -22.72
N LYS A 112 -1.50 -10.33 -22.06
CA LYS A 112 -0.73 -9.11 -22.26
C LYS A 112 0.61 -9.16 -21.54
N CYS A 113 0.73 -9.99 -20.51
CA CYS A 113 1.95 -10.07 -19.72
C CYS A 113 2.11 -11.49 -19.21
N VAL A 114 3.35 -11.96 -19.17
CA VAL A 114 3.68 -13.31 -18.74
C VAL A 114 4.75 -13.23 -17.67
N VAL A 115 4.45 -13.72 -16.47
CA VAL A 115 5.36 -13.71 -15.33
C VAL A 115 5.87 -15.12 -15.10
N VAL A 116 7.19 -15.27 -15.01
CA VAL A 116 7.84 -16.56 -14.92
C VAL A 116 8.62 -16.62 -13.60
N THR A 117 8.31 -17.62 -12.78
CA THR A 117 9.04 -17.87 -11.54
C THR A 117 9.30 -19.37 -11.41
N GLU A 118 10.29 -19.70 -10.58
CA GLU A 118 10.65 -21.09 -10.29
C GLU A 118 10.93 -21.89 -11.55
N THR A 119 11.63 -21.25 -12.49
CA THR A 119 11.83 -21.81 -13.82
C THR A 119 13.30 -21.73 -14.20
N SER A 120 13.81 -22.81 -14.79
CA SER A 120 15.18 -22.85 -15.23
C SER A 120 15.41 -21.84 -16.35
N LEU A 121 16.66 -21.38 -16.48
CA LEU A 121 17.01 -20.43 -17.52
C LEU A 121 16.77 -21.02 -18.91
N THR A 122 16.82 -22.35 -19.03
CA THR A 122 16.54 -23.00 -20.31
C THR A 122 15.13 -22.69 -20.79
N LYS A 123 14.13 -22.92 -19.94
CA LYS A 123 12.75 -22.66 -20.34
C LYS A 123 12.47 -21.17 -20.49
N GLN A 124 13.16 -20.32 -19.70
CA GLN A 124 12.97 -18.88 -19.83
C GLN A 124 13.37 -18.39 -21.21
N LEU A 125 14.50 -18.87 -21.73
CA LEU A 125 14.91 -18.50 -23.08
C LEU A 125 13.89 -18.97 -24.11
N GLU A 126 13.39 -20.19 -23.96
CA GLU A 126 12.38 -20.71 -24.87
C GLU A 126 11.11 -19.86 -24.81
N ILE A 127 10.73 -19.42 -23.62
CA ILE A 127 9.52 -18.62 -23.47
C ILE A 127 9.77 -17.20 -23.97
N ASN A 128 10.88 -16.58 -23.55
CA ASN A 128 11.12 -15.19 -23.89
C ASN A 128 11.37 -15.00 -25.38
N ASP A 129 11.99 -15.97 -26.04
CA ASP A 129 12.22 -15.88 -27.47
C ASP A 129 10.91 -15.78 -28.24
N PHE A 130 9.84 -16.35 -27.69
CA PHE A 130 8.53 -16.23 -28.31
C PHE A 130 7.86 -14.92 -27.94
N THR A 131 7.83 -14.59 -26.65
CA THR A 131 7.14 -13.40 -26.20
C THR A 131 7.76 -12.13 -26.77
N HIS A 132 9.08 -12.14 -27.00
CA HIS A 132 9.72 -10.94 -27.50
C HIS A 132 9.34 -10.65 -28.94
N LYS A 133 9.07 -11.69 -29.73
CA LYS A 133 8.70 -11.49 -31.13
C LYS A 133 7.21 -11.19 -31.28
N ASN A 134 6.37 -11.71 -30.38
CA ASN A 134 4.93 -11.51 -30.44
C ASN A 134 4.47 -10.30 -29.63
N HIS A 135 5.40 -9.46 -29.19
CA HIS A 135 5.08 -8.27 -28.40
C HIS A 135 4.24 -8.64 -27.17
N ILE A 136 4.76 -9.59 -26.39
CA ILE A 136 4.15 -10.00 -25.14
C ILE A 136 5.09 -9.64 -24.00
N ALA A 137 4.57 -8.91 -23.01
CA ALA A 137 5.40 -8.47 -21.89
C ALA A 137 5.90 -9.67 -21.09
N TYR A 138 7.19 -9.64 -20.75
CA TYR A 138 7.87 -10.73 -20.08
C TYR A 138 8.52 -10.22 -18.80
N ILE A 139 8.22 -10.89 -17.69
CA ILE A 139 8.85 -10.59 -16.40
C ILE A 139 9.26 -11.92 -15.77
N ALA A 140 10.53 -12.01 -15.38
CA ALA A 140 11.06 -13.21 -14.72
C ALA A 140 11.62 -12.79 -13.36
N ALA A 141 11.18 -13.46 -12.31
CA ALA A 141 11.59 -13.13 -10.95
C ALA A 141 11.88 -14.41 -10.18
N ASP A 142 12.78 -14.30 -9.21
CA ASP A 142 13.18 -15.46 -8.41
C ASP A 142 13.63 -15.01 -7.03
N SER A 143 13.11 -15.68 -6.00
CA SER A 143 13.45 -15.42 -4.61
C SER A 143 14.34 -16.57 -4.14
N ARG A 144 15.63 -16.31 -4.03
CA ARG A 144 16.63 -17.33 -3.68
C ARG A 144 17.39 -16.88 -2.43
N GLY A 145 16.85 -17.25 -1.27
CA GLY A 145 17.50 -16.86 -0.03
C GLY A 145 17.30 -15.39 0.24
N LEU A 146 18.38 -14.71 0.61
CA LEU A 146 18.40 -13.26 0.75
C LEU A 146 18.74 -12.56 -0.56
N PHE A 147 18.81 -13.29 -1.66
CA PHE A 147 19.10 -12.74 -2.98
C PHE A 147 17.87 -12.84 -3.86
N GLY A 148 17.73 -11.89 -4.77
CA GLY A 148 16.62 -11.89 -5.70
C GLY A 148 16.98 -11.20 -7.00
N SER A 149 16.26 -11.57 -8.06
CA SER A 149 16.45 -10.97 -9.37
C SER A 149 15.12 -10.74 -10.04
N ILE A 150 15.01 -9.61 -10.75
CA ILE A 150 13.82 -9.27 -11.52
C ILE A 150 14.28 -8.85 -12.91
N PHE A 151 13.77 -9.52 -13.94
CA PHE A 151 14.06 -9.18 -15.32
C PHE A 151 12.78 -8.81 -16.05
N CYS A 152 12.77 -7.65 -16.70
CA CYS A 152 11.62 -7.19 -17.47
C CYS A 152 11.97 -7.10 -18.95
N ASP A 153 11.03 -7.51 -19.79
CA ASP A 153 11.14 -7.40 -21.25
C ASP A 153 9.77 -7.10 -21.80
N PHE A 154 9.54 -5.84 -22.16
CA PHE A 154 8.23 -5.40 -22.63
C PHE A 154 8.18 -5.22 -24.15
N GLY A 155 9.10 -5.85 -24.87
CA GLY A 155 9.20 -5.67 -26.31
C GLY A 155 10.01 -4.44 -26.67
N GLU A 156 10.33 -4.33 -27.95
CA GLU A 156 11.17 -3.23 -28.42
C GLU A 156 10.35 -2.07 -28.98
N ASN A 157 9.02 -2.10 -28.81
CA ASN A 157 8.16 -0.99 -29.22
C ASN A 157 7.25 -0.54 -28.08
N PHE A 158 7.61 -0.83 -26.84
CA PHE A 158 6.72 -0.58 -25.71
C PHE A 158 6.51 0.92 -25.53
N ILE A 159 5.24 1.32 -25.42
CA ILE A 159 4.86 2.73 -25.28
C ILE A 159 4.42 2.96 -23.84
N CYS A 160 4.99 3.99 -23.21
CA CYS A 160 4.68 4.36 -21.84
C CYS A 160 4.16 5.78 -21.80
N THR A 161 2.99 5.98 -21.23
CA THR A 161 2.32 7.27 -21.26
C THR A 161 2.65 8.17 -20.07
N ASP A 162 3.52 7.71 -19.16
CA ASP A 162 3.82 8.49 -17.96
C ASP A 162 5.14 7.98 -17.39
N THR A 163 6.21 8.74 -17.62
CA THR A 163 7.56 8.30 -17.29
C THR A 163 7.96 8.57 -15.84
N ASP A 164 7.12 9.27 -15.07
CA ASP A 164 7.39 9.55 -13.68
C ASP A 164 6.12 9.32 -12.88
N GLY A 165 6.26 9.14 -11.57
CA GLY A 165 5.09 8.97 -10.74
C GLY A 165 4.21 10.21 -10.67
N ASN A 166 4.71 11.33 -11.16
CA ASN A 166 4.01 12.60 -11.00
C ASN A 166 2.75 12.63 -11.85
N GLU A 167 1.66 13.09 -11.24
CA GLU A 167 0.46 13.40 -12.00
C GLU A 167 0.72 14.60 -12.90
N PRO A 168 0.00 14.71 -14.01
CA PRO A 168 0.20 15.86 -14.92
C PRO A 168 0.12 17.19 -14.19
N LEU A 169 1.03 18.08 -14.53
CA LEU A 169 1.16 19.34 -13.82
C LEU A 169 -0.03 20.24 -14.13
N THR A 170 -0.59 20.83 -13.07
CA THR A 170 -1.71 21.74 -13.21
C THR A 170 -1.47 22.94 -12.30
N GLY A 171 -2.21 24.00 -12.56
CA GLY A 171 -2.08 25.22 -11.78
C GLY A 171 -2.67 26.40 -12.50
N MET A 172 -2.91 27.45 -11.73
CA MET A 172 -3.49 28.66 -12.27
C MET A 172 -2.40 29.56 -12.86
N ILE A 173 -2.82 30.41 -13.78
CA ILE A 173 -1.90 31.28 -14.53
C ILE A 173 -2.07 32.71 -14.04
N ALA A 174 -0.95 33.44 -13.95
CA ALA A 174 -1.00 34.87 -13.69
C ALA A 174 -1.23 35.63 -15.00
N SER A 175 -0.35 35.45 -15.97
CA SER A 175 -0.46 36.16 -17.24
C SER A 175 0.35 35.44 -18.30
N ILE A 176 0.02 35.71 -19.55
CA ILE A 176 0.74 35.20 -20.72
C ILE A 176 1.09 36.37 -21.61
N THR A 177 2.36 36.47 -21.99
CA THR A 177 2.80 37.58 -22.83
C THR A 177 2.74 37.18 -24.31
N ASP A 178 2.79 38.20 -25.17
CA ASP A 178 2.68 37.96 -26.61
C ASP A 178 3.87 37.18 -27.15
N ASP A 179 5.03 37.26 -26.50
CA ASP A 179 6.16 36.44 -26.90
C ASP A 179 5.98 34.98 -26.49
N GLY A 180 5.12 34.71 -25.52
CA GLY A 180 4.82 33.36 -25.11
C GLY A 180 5.27 32.96 -23.72
N VAL A 181 5.54 33.92 -22.84
CA VAL A 181 6.04 33.63 -21.49
C VAL A 181 4.84 33.53 -20.56
N VAL A 182 4.59 32.34 -20.03
CA VAL A 182 3.48 32.08 -19.14
C VAL A 182 4.02 32.08 -17.71
N THR A 183 3.62 33.08 -16.92
CA THR A 183 4.04 33.17 -15.53
C THR A 183 3.01 32.47 -14.66
N MET A 184 3.47 31.50 -13.87
CA MET A 184 2.58 30.70 -13.03
C MET A 184 2.31 31.39 -11.70
N LEU A 185 1.14 31.11 -11.14
CA LEU A 185 0.64 31.81 -9.96
C LEU A 185 1.26 31.28 -8.67
N GLU A 186 0.54 31.45 -7.56
CA GLU A 186 1.03 31.00 -6.25
C GLU A 186 1.31 29.50 -6.23
N GLU A 187 0.64 28.73 -7.09
CA GLU A 187 0.73 27.28 -7.04
C GLU A 187 2.15 26.80 -7.36
N THR A 188 2.77 27.36 -8.41
CA THR A 188 4.06 26.94 -8.96
C THR A 188 4.34 25.45 -8.77
N ARG A 189 3.56 24.61 -9.44
CA ARG A 189 3.65 23.16 -9.25
C ARG A 189 4.96 22.62 -9.83
N HIS A 190 5.20 21.33 -9.54
CA HIS A 190 6.50 20.71 -9.77
C HIS A 190 6.39 19.38 -10.53
N GLY A 191 7.10 19.24 -11.64
CA GLY A 191 7.98 20.27 -12.19
C GLY A 191 8.16 20.06 -13.69
N LEU A 192 8.15 21.14 -14.45
CA LEU A 192 8.06 21.06 -15.91
C LEU A 192 9.37 20.63 -16.54
N GLU A 193 9.26 19.98 -17.69
CA GLU A 193 10.39 19.55 -18.50
C GLU A 193 10.27 20.12 -19.90
N ASN A 194 11.35 20.00 -20.67
CA ASN A 194 11.36 20.46 -22.05
C ASN A 194 10.75 19.41 -22.96
N GLY A 195 9.99 19.86 -23.95
CA GLY A 195 9.26 18.96 -24.83
C GLY A 195 7.89 18.58 -24.34
N ASP A 196 7.53 18.92 -23.11
CA ASP A 196 6.20 18.65 -22.60
C ASP A 196 5.17 19.53 -23.31
N PHE A 197 3.91 19.13 -23.19
CA PHE A 197 2.80 19.87 -23.79
C PHE A 197 1.82 20.29 -22.70
N VAL A 198 1.25 21.48 -22.86
CA VAL A 198 0.24 22.00 -21.94
C VAL A 198 -0.95 22.49 -22.75
N LYS A 199 -2.14 22.29 -22.21
CA LYS A 199 -3.37 22.84 -22.77
C LYS A 199 -3.97 23.84 -21.78
N PHE A 200 -4.61 24.87 -22.32
CA PHE A 200 -5.13 25.97 -21.54
C PHE A 200 -6.65 25.98 -21.58
N THR A 201 -7.25 26.44 -20.48
CA THR A 201 -8.70 26.57 -20.37
C THR A 201 -9.03 27.86 -19.62
N GLU A 202 -9.97 28.63 -20.16
CA GLU A 202 -10.49 29.83 -19.52
C GLU A 202 -9.42 30.90 -19.31
N VAL A 203 -8.50 31.01 -20.26
CA VAL A 203 -7.47 32.06 -20.24
C VAL A 203 -8.04 33.27 -20.96
N LYS A 204 -8.39 34.30 -20.22
CA LYS A 204 -9.03 35.47 -20.79
C LYS A 204 -7.99 36.43 -21.36
N GLY A 205 -8.31 37.04 -22.50
CA GLY A 205 -7.41 37.89 -23.25
C GLY A 205 -6.94 37.27 -24.54
N MET A 206 -6.91 35.94 -24.61
CA MET A 206 -6.54 35.21 -25.82
C MET A 206 -7.60 34.14 -26.05
N PRO A 207 -8.57 34.38 -26.92
CA PRO A 207 -9.71 33.46 -27.05
C PRO A 207 -9.34 32.10 -27.62
N GLY A 208 -8.56 32.10 -28.70
CA GLY A 208 -8.22 30.88 -29.40
C GLY A 208 -7.25 29.97 -28.67
N LEU A 209 -6.69 30.42 -27.54
CA LEU A 209 -5.73 29.62 -26.80
C LEU A 209 -6.40 28.53 -25.98
N ASN A 210 -7.71 28.64 -25.73
CA ASN A 210 -8.45 27.66 -24.95
C ASN A 210 -9.22 26.67 -25.82
N ASP A 211 -8.70 26.35 -27.01
CA ASP A 211 -9.38 25.40 -27.88
C ASP A 211 -9.21 23.97 -27.40
N GLY A 212 -8.04 23.62 -26.90
CA GLY A 212 -7.79 22.27 -26.41
C GLY A 212 -6.56 21.64 -27.02
N THR A 213 -5.96 22.31 -28.00
CA THR A 213 -4.80 21.75 -28.70
C THR A 213 -3.53 22.07 -27.91
N PRO A 214 -2.71 21.07 -27.56
CA PRO A 214 -1.56 21.32 -26.71
C PRO A 214 -0.46 22.09 -27.44
N ARG A 215 0.43 22.67 -26.64
CA ARG A 215 1.54 23.47 -27.15
C ARG A 215 2.84 23.04 -26.46
N LYS A 216 3.93 23.11 -27.21
CA LYS A 216 5.23 22.71 -26.69
C LYS A 216 5.68 23.67 -25.59
N VAL A 217 6.52 23.17 -24.68
CA VAL A 217 6.92 23.89 -23.48
C VAL A 217 8.43 23.98 -23.43
N GLU A 218 8.94 25.20 -23.28
CA GLU A 218 10.35 25.47 -23.02
C GLU A 218 10.45 26.30 -21.75
N VAL A 219 11.06 25.74 -20.71
CA VAL A 219 11.02 26.35 -19.38
C VAL A 219 12.07 27.45 -19.28
N LYS A 220 11.63 28.67 -18.99
CA LYS A 220 12.56 29.78 -18.81
C LYS A 220 13.09 29.84 -17.38
N GLY A 221 12.19 29.74 -16.40
CA GLY A 221 12.55 29.82 -15.01
C GLY A 221 11.66 28.94 -14.15
N PRO A 222 11.83 29.04 -12.83
CA PRO A 222 11.01 28.22 -11.92
C PRO A 222 9.55 28.66 -11.84
N TYR A 223 9.19 29.80 -12.43
CA TYR A 223 7.82 30.27 -12.43
C TYR A 223 7.27 30.55 -13.82
N THR A 224 8.07 30.41 -14.87
CA THR A 224 7.66 30.73 -16.22
C THR A 224 8.06 29.61 -17.17
N PHE A 225 7.45 29.63 -18.35
CA PHE A 225 7.80 28.74 -19.44
C PHE A 225 7.27 29.35 -20.74
N SER A 226 7.87 28.95 -21.85
CA SER A 226 7.53 29.50 -23.16
C SER A 226 6.74 28.48 -23.96
N ILE A 227 5.71 28.95 -24.68
CA ILE A 227 4.91 28.12 -25.56
C ILE A 227 5.06 28.52 -27.02
N GLY A 228 5.87 29.52 -27.32
CA GLY A 228 5.97 30.07 -28.65
C GLY A 228 5.22 31.37 -28.78
N SER A 229 5.43 32.03 -29.91
CA SER A 229 4.80 33.32 -30.16
C SER A 229 3.28 33.16 -30.27
N VAL A 230 2.56 33.82 -29.38
CA VAL A 230 1.10 33.79 -29.39
C VAL A 230 0.58 35.17 -29.78
N LYS A 231 1.40 35.93 -30.52
CA LYS A 231 0.99 37.26 -30.97
C LYS A 231 -0.19 37.20 -31.93
N ASP A 232 -0.44 36.05 -32.56
CA ASP A 232 -1.60 35.86 -33.41
C ASP A 232 -2.88 35.60 -32.63
N LEU A 233 -2.83 35.67 -31.30
CA LEU A 233 -4.00 35.46 -30.45
C LEU A 233 -4.35 36.65 -29.57
N GLY A 234 -3.38 37.49 -29.23
CA GLY A 234 -3.64 38.66 -28.41
C GLY A 234 -2.37 39.30 -27.87
N SER A 235 -2.46 40.56 -27.48
CA SER A 235 -1.29 41.24 -26.93
C SER A 235 -0.92 40.72 -25.56
N ALA A 236 -1.93 40.47 -24.71
CA ALA A 236 -1.68 39.99 -23.35
C ALA A 236 -2.85 39.13 -22.91
N GLY A 237 -2.54 37.94 -22.40
CA GLY A 237 -3.54 37.05 -21.83
C GLY A 237 -3.33 36.97 -20.33
N TYR A 238 -4.43 36.78 -19.60
CA TYR A 238 -4.41 36.78 -18.14
C TYR A 238 -5.25 35.62 -17.62
N ASN A 239 -4.97 35.26 -16.36
CA ASN A 239 -5.71 34.22 -15.64
C ASN A 239 -5.70 32.89 -16.37
N GLY A 240 -6.60 31.99 -16.00
CA GLY A 240 -6.71 30.71 -16.66
C GLY A 240 -5.95 29.61 -15.94
N VAL A 241 -6.02 28.42 -16.53
CA VAL A 241 -5.40 27.23 -16.00
C VAL A 241 -4.59 26.56 -17.10
N PHE A 242 -3.54 25.85 -16.70
CA PHE A 242 -2.77 25.01 -17.61
C PHE A 242 -2.75 23.58 -17.09
N THR A 243 -2.86 22.62 -18.00
CA THR A 243 -2.78 21.20 -17.67
C THR A 243 -1.75 20.55 -18.59
N GLN A 244 -0.81 19.83 -18.00
CA GLN A 244 0.23 19.17 -18.79
C GLN A 244 -0.33 17.93 -19.49
N VAL A 245 0.01 17.78 -20.76
CA VAL A 245 -0.29 16.57 -21.52
C VAL A 245 1.03 15.85 -21.74
N LYS A 246 1.17 14.67 -21.15
CA LYS A 246 2.44 13.93 -21.22
C LYS A 246 2.51 13.16 -22.52
N VAL A 247 3.57 13.39 -23.29
CA VAL A 247 3.77 12.73 -24.58
C VAL A 247 4.30 11.33 -24.34
N PRO A 248 3.64 10.30 -24.86
CA PRO A 248 4.11 8.92 -24.66
C PRO A 248 5.42 8.66 -25.39
N THR A 249 6.41 8.19 -24.66
CA THR A 249 7.68 7.75 -25.21
C THR A 249 7.66 6.25 -25.45
N LYS A 250 8.54 5.79 -26.33
CA LYS A 250 8.68 4.38 -26.61
C LYS A 250 10.01 3.87 -26.07
N ILE A 251 9.98 2.65 -25.53
CA ILE A 251 11.13 2.05 -24.86
C ILE A 251 11.42 0.71 -25.52
N SER A 252 12.67 0.53 -25.94
CA SER A 252 13.09 -0.68 -26.64
C SER A 252 13.74 -1.62 -25.63
N PHE A 253 13.09 -2.75 -25.39
CA PHE A 253 13.64 -3.77 -24.53
C PHE A 253 14.35 -4.84 -25.36
N LYS A 254 15.47 -5.31 -24.85
CA LYS A 254 16.19 -6.41 -25.47
C LYS A 254 15.69 -7.73 -24.90
N SER A 255 15.73 -8.77 -25.72
CA SER A 255 15.27 -10.08 -25.28
C SER A 255 16.22 -10.63 -24.21
N LEU A 256 15.72 -11.63 -23.47
CA LEU A 256 16.53 -12.27 -22.44
C LEU A 256 17.78 -12.90 -23.04
N ARG A 257 17.71 -13.36 -24.29
CA ARG A 257 18.85 -14.01 -24.91
C ARG A 257 19.95 -13.01 -25.23
N GLU A 258 19.60 -11.85 -25.79
CA GLU A 258 20.61 -10.86 -26.16
C GLU A 258 21.00 -9.96 -24.99
N SER A 259 20.15 -9.83 -23.97
CA SER A 259 20.56 -9.12 -22.76
C SER A 259 21.34 -10.02 -21.81
N LEU A 260 21.33 -11.33 -22.02
CA LEU A 260 22.17 -12.23 -21.24
C LEU A 260 23.64 -11.94 -21.46
N LYS A 261 24.00 -11.38 -22.64
CA LYS A 261 25.36 -11.00 -22.97
C LYS A 261 25.69 -9.58 -22.54
N ASP A 262 24.75 -8.65 -22.74
CA ASP A 262 24.95 -7.24 -22.41
C ASP A 262 23.81 -6.79 -21.51
N PRO A 263 23.90 -7.05 -20.21
CA PRO A 263 22.79 -6.71 -19.30
C PRO A 263 22.84 -5.26 -18.86
N GLU A 264 21.68 -4.63 -18.85
CA GLU A 264 21.49 -3.28 -18.32
C GLU A 264 20.91 -3.37 -16.92
N TYR A 265 21.62 -2.80 -15.94
CA TYR A 265 21.28 -2.94 -14.54
C TYR A 265 20.46 -1.76 -14.04
N VAL A 266 19.55 -2.05 -13.10
CA VAL A 266 18.90 -1.05 -12.26
C VAL A 266 19.36 -1.33 -10.84
N TYR A 267 20.01 -0.35 -10.21
CA TYR A 267 20.69 -0.60 -8.95
C TYR A 267 19.76 -0.31 -7.78
N PRO A 268 19.44 -1.31 -6.95
CA PRO A 268 18.69 -1.01 -5.73
C PRO A 268 19.51 -0.30 -4.66
N ASP A 269 20.84 -0.35 -4.75
CA ASP A 269 21.70 0.27 -3.74
C ASP A 269 23.03 0.60 -4.39
N PHE A 270 23.31 1.90 -4.55
CA PHE A 270 24.57 2.32 -5.16
C PHE A 270 25.78 1.96 -4.31
N GLY A 271 25.57 1.63 -3.04
CA GLY A 271 26.66 1.14 -2.21
C GLY A 271 27.07 -0.29 -2.50
N LYS A 272 26.21 -1.05 -3.16
CA LYS A 272 26.49 -2.42 -3.58
C LYS A 272 26.64 -2.49 -5.10
N MET A 273 27.23 -1.44 -5.67
CA MET A 273 27.27 -1.29 -7.11
C MET A 273 28.02 -2.42 -7.80
N MET A 274 28.99 -3.03 -7.11
CA MET A 274 29.81 -4.09 -7.67
C MET A 274 29.15 -5.45 -7.61
N ARG A 275 27.93 -5.55 -7.10
CA ARG A 275 27.30 -6.84 -6.84
C ARG A 275 26.38 -7.34 -7.95
N PRO A 276 25.64 -6.48 -8.66
CA PRO A 276 24.77 -6.98 -9.76
C PRO A 276 25.53 -7.83 -10.76
N PRO A 277 26.72 -7.42 -11.24
CA PRO A 277 27.42 -8.30 -12.20
C PRO A 277 27.78 -9.64 -11.61
N GLN A 278 28.07 -9.70 -10.31
CA GLN A 278 28.26 -11.00 -9.65
C GLN A 278 26.95 -11.77 -9.59
N TYR A 279 25.88 -11.09 -9.21
CA TYR A 279 24.57 -11.75 -9.11
C TYR A 279 24.10 -12.25 -10.47
N HIS A 280 24.40 -11.50 -11.53
CA HIS A 280 23.99 -11.91 -12.87
C HIS A 280 24.62 -13.24 -13.26
N ILE A 281 25.84 -13.51 -12.80
CA ILE A 281 26.46 -14.79 -13.11
C ILE A 281 25.96 -15.87 -12.17
N ALA A 282 25.81 -15.56 -10.89
CA ALA A 282 25.46 -16.58 -9.90
C ALA A 282 24.10 -17.19 -10.19
N PHE A 283 23.13 -16.36 -10.60
CA PHE A 283 21.81 -16.89 -10.91
C PHE A 283 21.82 -17.75 -12.17
N GLN A 284 22.72 -17.46 -13.11
CA GLN A 284 22.87 -18.33 -14.28
C GLN A 284 23.48 -19.66 -13.88
N ALA A 285 24.51 -19.64 -13.05
CA ALA A 285 25.08 -20.89 -12.54
C ALA A 285 24.09 -21.61 -11.64
N LEU A 286 23.23 -20.86 -10.93
CA LEU A 286 22.23 -21.49 -10.09
C LEU A 286 21.27 -22.37 -10.89
N SER A 287 21.09 -22.04 -12.18
CA SER A 287 20.28 -22.87 -13.06
C SER A 287 21.10 -23.96 -13.73
N ALA A 288 22.38 -23.70 -14.02
CA ALA A 288 23.26 -24.74 -14.52
C ALA A 288 23.46 -25.85 -13.49
N PHE A 289 23.31 -25.52 -12.21
CA PHE A 289 23.40 -26.55 -11.17
C PHE A 289 22.14 -27.40 -11.13
N ALA A 290 20.97 -26.77 -11.30
CA ALA A 290 19.72 -27.50 -11.28
C ALA A 290 19.63 -28.49 -12.44
N ASP A 291 20.23 -28.15 -13.58
CA ASP A 291 20.22 -29.06 -14.72
C ASP A 291 20.97 -30.35 -14.41
N ALA A 292 21.98 -30.28 -13.54
CA ALA A 292 22.80 -31.43 -13.20
C ALA A 292 22.29 -32.21 -12.01
N HIS A 293 21.17 -31.79 -11.40
CA HIS A 293 20.70 -32.42 -10.16
C HIS A 293 19.17 -32.51 -10.16
N GLU A 294 18.59 -33.00 -11.25
CA GLU A 294 17.16 -33.27 -11.34
C GLU A 294 16.32 -32.03 -10.99
N GLY A 295 16.82 -30.85 -11.34
CA GLY A 295 16.15 -29.61 -11.00
C GLY A 295 16.31 -29.14 -9.58
N SER A 296 17.08 -29.85 -8.75
CA SER A 296 17.26 -29.44 -7.37
C SER A 296 18.35 -28.38 -7.26
N LEU A 297 18.18 -27.50 -6.26
CA LEU A 297 19.16 -26.47 -5.95
C LEU A 297 20.18 -26.99 -4.95
N PRO A 298 21.32 -26.31 -4.79
CA PRO A 298 22.29 -26.74 -3.79
C PRO A 298 21.70 -26.78 -2.40
N ARG A 299 22.28 -27.63 -1.56
CA ARG A 299 21.76 -27.83 -0.21
C ARG A 299 22.16 -26.68 0.71
N PRO A 300 21.39 -26.42 1.76
CA PRO A 300 21.65 -25.26 2.63
C PRO A 300 23.03 -25.33 3.26
N ARG A 301 23.83 -24.29 3.03
CA ARG A 301 25.17 -24.14 3.59
C ARG A 301 26.07 -25.34 3.25
N ASN A 302 25.75 -26.06 2.18
CA ASN A 302 26.50 -27.26 1.81
C ASN A 302 27.79 -26.85 1.10
N ASP A 303 28.93 -27.25 1.67
CA ASP A 303 30.21 -26.90 1.06
C ASP A 303 30.47 -27.69 -0.22
N ILE A 304 30.05 -28.95 -0.25
CA ILE A 304 30.22 -29.76 -1.46
C ILE A 304 29.43 -29.16 -2.61
N ASP A 305 28.17 -28.81 -2.37
CA ASP A 305 27.33 -28.25 -3.42
C ASP A 305 27.80 -26.85 -3.81
N ALA A 306 28.26 -26.05 -2.84
CA ALA A 306 28.74 -24.71 -3.16
C ALA A 306 30.06 -24.74 -3.90
N ALA A 307 30.89 -25.76 -3.65
CA ALA A 307 32.11 -25.92 -4.43
C ALA A 307 31.79 -26.20 -5.89
N GLU A 308 30.85 -27.11 -6.14
CA GLU A 308 30.39 -27.33 -7.51
C GLU A 308 29.71 -26.09 -8.08
N PHE A 309 29.07 -25.29 -7.22
CA PHE A 309 28.37 -24.09 -7.69
C PHE A 309 29.35 -23.02 -8.14
N PHE A 310 30.42 -22.82 -7.38
CA PHE A 310 31.43 -21.83 -7.77
C PHE A 310 32.04 -22.18 -9.12
N GLU A 311 32.26 -23.48 -9.38
CA GLU A 311 32.82 -23.90 -10.65
C GLU A 311 31.91 -23.52 -11.81
N PHE A 312 30.59 -23.74 -11.65
CA PHE A 312 29.64 -23.30 -12.66
C PHE A 312 29.75 -21.80 -12.91
N CYS A 313 29.90 -21.01 -11.84
CA CYS A 313 30.08 -19.58 -12.02
C CYS A 313 31.33 -19.28 -12.83
N LYS A 314 32.42 -20.01 -12.58
CA LYS A 314 33.67 -19.76 -13.28
C LYS A 314 33.52 -20.03 -14.78
N LYS A 315 32.74 -21.04 -15.16
CA LYS A 315 32.55 -21.35 -16.57
C LYS A 315 31.71 -20.26 -17.24
N ILE A 316 30.58 -19.90 -16.64
CA ILE A 316 29.69 -18.90 -17.25
C ILE A 316 30.36 -17.53 -17.30
N ALA A 317 31.23 -17.24 -16.35
CA ALA A 317 31.97 -15.98 -16.39
C ALA A 317 32.92 -15.93 -17.57
N SER A 318 33.41 -17.09 -18.03
CA SER A 318 34.36 -17.12 -19.12
C SER A 318 33.67 -17.10 -20.48
N THR A 319 32.60 -17.87 -20.64
CA THR A 319 31.91 -17.92 -21.94
C THR A 319 31.24 -16.59 -22.25
N LEU A 320 30.69 -15.92 -21.24
CA LEU A 320 30.12 -14.60 -21.42
C LEU A 320 31.17 -13.49 -21.42
N GLN A 321 32.44 -13.86 -21.61
CA GLN A 321 33.59 -12.95 -21.64
C GLN A 321 33.45 -11.78 -20.69
N PHE A 322 33.07 -12.05 -19.44
CA PHE A 322 32.87 -11.00 -18.44
C PHE A 322 34.19 -10.68 -17.75
N ASP A 323 34.48 -9.39 -17.66
CA ASP A 323 35.71 -8.89 -17.06
C ASP A 323 35.67 -8.84 -15.53
N VAL A 324 34.56 -9.27 -14.92
CA VAL A 324 34.40 -9.15 -13.48
C VAL A 324 35.30 -10.14 -12.76
N GLU A 325 35.69 -9.80 -11.53
CA GLU A 325 36.46 -10.69 -10.67
C GLU A 325 35.51 -11.28 -9.63
N LEU A 326 35.42 -12.60 -9.60
CA LEU A 326 34.40 -13.28 -8.82
C LEU A 326 34.68 -13.15 -7.32
N ASP A 327 33.79 -12.47 -6.61
CA ASP A 327 33.84 -12.42 -5.16
C ASP A 327 33.40 -13.78 -4.60
N GLU A 328 34.37 -14.65 -4.32
CA GLU A 328 34.04 -16.03 -3.96
C GLU A 328 33.24 -16.09 -2.66
N LYS A 329 33.60 -15.26 -1.67
CA LYS A 329 32.85 -15.26 -0.42
C LYS A 329 31.40 -14.87 -0.65
N LEU A 330 31.15 -13.94 -1.58
CA LEU A 330 29.79 -13.48 -1.84
C LEU A 330 29.02 -14.47 -2.70
N ILE A 331 29.66 -15.00 -3.74
CA ILE A 331 28.96 -15.88 -4.68
C ILE A 331 28.55 -17.18 -4.00
N LYS A 332 29.49 -17.80 -3.27
CA LYS A 332 29.17 -19.04 -2.56
C LYS A 332 27.99 -18.87 -1.62
N GLU A 333 27.81 -17.67 -1.08
CA GLU A 333 26.70 -17.41 -0.17
C GLU A 333 25.36 -17.64 -0.85
N ILE A 334 25.30 -17.42 -2.17
CA ILE A 334 24.07 -17.68 -2.90
C ILE A 334 23.77 -19.16 -2.93
N SER A 335 24.81 -20.00 -3.05
CA SER A 335 24.60 -21.44 -2.98
C SER A 335 24.14 -21.86 -1.60
N TYR A 336 24.78 -21.33 -0.55
CA TYR A 336 24.39 -21.66 0.82
C TYR A 336 22.93 -21.34 1.09
N GLN A 337 22.36 -20.39 0.35
CA GLN A 337 20.98 -19.97 0.55
C GLN A 337 20.10 -20.29 -0.66
N ALA A 338 20.59 -21.11 -1.60
CA ALA A 338 19.89 -21.35 -2.85
C ALA A 338 18.43 -21.74 -2.61
N ARG A 339 18.20 -22.75 -1.77
CA ARG A 339 16.84 -23.21 -1.52
C ARG A 339 16.22 -22.55 -0.30
N GLY A 340 16.60 -21.31 -0.01
CA GLY A 340 15.87 -20.53 0.98
C GLY A 340 14.66 -19.86 0.36
N ASP A 341 13.60 -19.72 1.17
CA ASP A 341 12.32 -19.20 0.70
C ASP A 341 11.71 -18.35 1.82
N LEU A 342 12.14 -17.10 1.89
CA LEU A 342 11.71 -16.19 2.96
C LEU A 342 10.49 -15.40 2.51
N VAL A 343 9.49 -15.33 3.39
CA VAL A 343 8.27 -14.59 3.06
C VAL A 343 8.57 -13.10 2.91
N ALA A 344 9.62 -12.61 3.58
CA ALA A 344 10.00 -11.20 3.41
C ALA A 344 10.53 -10.94 2.02
N MET A 345 11.34 -11.85 1.48
CA MET A 345 11.80 -11.70 0.11
C MET A 345 10.65 -11.87 -0.89
N SER A 346 9.68 -12.73 -0.58
CA SER A 346 8.54 -12.87 -1.48
C SER A 346 7.68 -11.60 -1.45
N ALA A 347 7.54 -10.98 -0.28
CA ALA A 347 6.76 -9.75 -0.20
C ALA A 347 7.46 -8.61 -0.94
N PHE A 348 8.78 -8.50 -0.76
CA PHE A 348 9.50 -7.41 -1.41
C PHE A 348 9.55 -7.60 -2.92
N LEU A 349 9.99 -8.78 -3.37
CA LEU A 349 10.06 -9.02 -4.81
C LEU A 349 8.67 -9.09 -5.43
N GLY A 350 7.72 -9.69 -4.71
CA GLY A 350 6.38 -9.86 -5.27
C GLY A 350 5.68 -8.54 -5.51
N GLY A 351 5.76 -7.62 -4.54
CA GLY A 351 5.15 -6.31 -4.74
C GLY A 351 5.79 -5.55 -5.89
N ALA A 352 7.12 -5.59 -6.00
CA ALA A 352 7.79 -4.88 -7.08
C ALA A 352 7.46 -5.50 -8.42
N VAL A 353 7.40 -6.84 -8.50
CA VAL A 353 7.10 -7.50 -9.76
C VAL A 353 5.66 -7.24 -10.18
N ALA A 354 4.74 -7.24 -9.22
CA ALA A 354 3.35 -6.93 -9.54
C ALA A 354 3.21 -5.52 -10.09
N GLN A 355 3.99 -4.58 -9.54
CA GLN A 355 3.97 -3.23 -10.10
C GLN A 355 4.47 -3.22 -11.52
N GLU A 356 5.42 -4.09 -11.85
CA GLU A 356 5.90 -4.19 -13.23
C GLU A 356 4.82 -4.75 -14.15
N VAL A 357 4.02 -5.70 -13.64
CA VAL A 357 2.89 -6.21 -14.42
C VAL A 357 1.92 -5.09 -14.76
N LEU A 358 1.59 -4.25 -13.76
CA LEU A 358 0.67 -3.15 -14.01
C LEU A 358 1.25 -2.14 -14.99
N LYS A 359 2.56 -1.92 -14.93
CA LYS A 359 3.22 -1.10 -15.96
C LYS A 359 3.05 -1.73 -17.34
N ALA A 360 3.13 -3.06 -17.42
CA ALA A 360 2.97 -3.72 -18.71
C ALA A 360 1.53 -3.69 -19.19
N THR A 361 0.58 -3.68 -18.27
CA THR A 361 -0.84 -3.77 -18.62
C THR A 361 -1.52 -2.40 -18.70
N THR A 362 -0.94 -1.36 -18.12
CA THR A 362 -1.50 -0.01 -18.20
C THR A 362 -0.61 0.98 -18.92
N SER A 363 0.67 0.65 -19.14
CA SER A 363 1.61 1.52 -19.83
C SER A 363 1.79 2.84 -19.11
N LYS A 364 1.73 2.83 -17.77
CA LYS A 364 1.58 4.05 -17.01
C LYS A 364 2.81 4.47 -16.22
N PHE A 365 3.80 3.61 -16.05
CA PHE A 365 4.99 3.97 -15.30
C PHE A 365 6.24 3.48 -16.03
N TYR A 366 7.39 3.94 -15.57
CA TYR A 366 8.65 3.58 -16.21
C TYR A 366 9.11 2.22 -15.73
N PRO A 367 9.27 1.23 -16.61
CA PRO A 367 9.58 -0.13 -16.16
C PRO A 367 11.01 -0.27 -15.68
N LEU A 368 11.28 -1.40 -15.03
CA LEU A 368 12.65 -1.78 -14.74
C LEU A 368 13.34 -2.19 -16.04
N LYS A 369 14.51 -1.62 -16.29
CA LYS A 369 15.18 -1.80 -17.56
C LYS A 369 16.67 -2.09 -17.37
N GLN A 370 17.04 -3.37 -17.36
CA GLN A 370 16.09 -4.48 -17.45
C GLN A 370 16.32 -5.49 -16.33
N TYR A 371 17.48 -5.42 -15.70
CA TYR A 371 17.87 -6.36 -14.65
C TYR A 371 17.89 -5.66 -13.29
N PHE A 372 17.23 -6.26 -12.32
CA PHE A 372 17.16 -5.75 -10.95
C PHE A 372 17.67 -6.85 -10.02
N TYR A 373 18.96 -6.80 -9.72
CA TYR A 373 19.58 -7.77 -8.83
C TYR A 373 19.66 -7.17 -7.43
N PHE A 374 19.15 -7.91 -6.46
CA PHE A 374 18.92 -7.40 -5.12
C PHE A 374 19.38 -8.39 -4.07
N ASP A 375 19.87 -7.86 -2.95
CA ASP A 375 20.20 -8.67 -1.80
C ASP A 375 19.86 -7.91 -0.53
N SER A 376 19.61 -8.66 0.54
CA SER A 376 19.50 -8.14 1.89
C SER A 376 20.44 -8.91 2.79
N LEU A 377 21.68 -9.05 2.33
CA LEU A 377 22.64 -9.96 2.97
C LEU A 377 22.92 -9.57 4.42
N GLU A 378 22.78 -8.28 4.75
CA GLU A 378 22.96 -7.85 6.13
C GLU A 378 21.95 -8.50 7.07
N SER A 379 20.85 -9.02 6.54
CA SER A 379 19.88 -9.72 7.40
C SER A 379 20.41 -11.06 7.88
N LEU A 380 21.51 -11.54 7.35
CA LEU A 380 22.06 -12.84 7.74
C LEU A 380 22.44 -12.83 9.21
N PRO A 381 21.86 -13.70 10.04
CA PRO A 381 22.17 -13.67 11.47
C PRO A 381 23.62 -13.98 11.74
N SER A 382 24.12 -13.45 12.87
CA SER A 382 25.48 -13.70 13.31
C SER A 382 25.60 -14.13 14.77
N SER A 383 24.54 -13.98 15.57
CA SER A 383 24.61 -14.39 16.97
C SER A 383 24.37 -15.88 17.17
N VAL A 384 24.07 -16.62 16.11
CA VAL A 384 23.84 -18.04 16.18
C VAL A 384 24.75 -18.73 15.16
N THR A 385 24.71 -20.06 15.18
CA THR A 385 25.54 -20.87 14.31
C THR A 385 24.81 -21.12 12.99
N ILE A 386 25.48 -20.82 11.89
CA ILE A 386 24.95 -21.05 10.55
C ILE A 386 25.84 -22.08 9.87
N SER A 387 25.33 -23.30 9.68
CA SER A 387 26.14 -24.39 9.14
C SER A 387 25.22 -25.36 8.41
N GLU A 388 25.82 -26.43 7.86
CA GLU A 388 25.05 -27.51 7.27
C GLU A 388 24.09 -28.12 8.28
N GLU A 389 24.59 -28.38 9.49
CA GLU A 389 23.76 -29.04 10.50
C GLU A 389 22.64 -28.12 10.97
N THR A 390 22.91 -26.84 11.14
CA THR A 390 21.89 -25.93 11.66
C THR A 390 20.82 -25.64 10.61
N CYS A 391 21.22 -25.53 9.34
CA CYS A 391 20.29 -25.22 8.25
C CYS A 391 19.72 -26.46 7.59
N LYS A 392 19.77 -27.62 8.25
CA LYS A 392 19.29 -28.86 7.66
C LYS A 392 17.76 -28.95 7.78
N PRO A 393 17.07 -29.39 6.74
CA PRO A 393 15.61 -29.54 6.82
C PRO A 393 15.17 -30.37 8.01
N ARG A 394 14.07 -29.95 8.63
CA ARG A 394 13.49 -30.67 9.77
C ARG A 394 12.17 -31.36 9.45
N GLY A 395 11.60 -31.14 8.27
CA GLY A 395 10.31 -31.70 7.95
C GLY A 395 9.12 -30.86 8.35
N CYS A 396 9.32 -29.60 8.68
CA CYS A 396 8.26 -28.71 9.13
C CYS A 396 8.04 -27.59 8.11
N ARG A 397 7.08 -26.72 8.42
CA ARG A 397 6.69 -25.65 7.50
C ARG A 397 7.71 -24.51 7.46
N TYR A 398 8.71 -24.51 8.33
CA TYR A 398 9.69 -23.45 8.37
C TYR A 398 11.00 -23.82 7.68
N ASP A 399 11.00 -24.90 6.90
CA ASP A 399 12.25 -25.38 6.29
C ASP A 399 12.87 -24.33 5.38
N GLY A 400 12.04 -23.64 4.59
CA GLY A 400 12.52 -22.60 3.69
C GLY A 400 13.17 -21.43 4.39
N GLN A 401 12.81 -21.16 5.65
CA GLN A 401 13.46 -20.14 6.45
C GLN A 401 14.64 -20.69 7.25
N ILE A 402 14.49 -21.89 7.81
CA ILE A 402 15.59 -22.54 8.50
C ILE A 402 16.75 -22.79 7.56
N ALA A 403 16.47 -22.96 6.27
CA ALA A 403 17.52 -23.17 5.28
C ALA A 403 18.47 -21.98 5.15
N VAL A 404 18.16 -20.85 5.77
CA VAL A 404 18.97 -19.64 5.71
C VAL A 404 19.43 -19.21 7.10
N PHE A 405 18.49 -19.06 8.03
CA PHE A 405 18.79 -18.53 9.35
C PHE A 405 19.18 -19.61 10.35
N GLY A 406 18.91 -20.87 10.05
CA GLY A 406 19.29 -21.97 10.93
C GLY A 406 18.20 -22.33 11.93
N SER A 407 18.47 -23.42 12.65
CA SER A 407 17.48 -23.96 13.57
C SER A 407 17.46 -23.20 14.88
N GLU A 408 18.63 -22.81 15.39
CA GLU A 408 18.68 -22.08 16.66
C GLU A 408 17.99 -20.74 16.53
N PHE A 409 18.18 -20.05 15.41
CA PHE A 409 17.49 -18.78 15.19
C PHE A 409 15.99 -18.98 15.04
N GLN A 410 15.55 -20.15 14.55
CA GLN A 410 14.13 -20.41 14.42
C GLN A 410 13.42 -20.38 15.77
N GLU A 411 14.11 -20.84 16.83
CA GLU A 411 13.50 -20.78 18.15
C GLU A 411 13.50 -19.36 18.70
N LYS A 412 14.52 -18.57 18.37
CA LYS A 412 14.52 -17.15 18.72
C LYS A 412 13.30 -16.46 18.12
N ILE A 413 12.98 -16.76 16.87
CA ILE A 413 11.77 -16.22 16.27
C ILE A 413 10.54 -16.73 17.00
N ALA A 414 10.51 -18.04 17.28
CA ALA A 414 9.30 -18.66 17.82
C ALA A 414 8.94 -18.10 19.18
N SER A 415 9.92 -17.59 19.93
CA SER A 415 9.67 -17.08 21.27
C SER A 415 9.56 -15.56 21.32
N LEU A 416 9.37 -14.92 20.16
CA LEU A 416 9.23 -13.47 20.10
C LEU A 416 7.89 -13.03 20.65
N SER A 417 7.89 -11.87 21.30
CA SER A 417 6.67 -11.23 21.78
C SER A 417 6.54 -9.89 21.07
N THR A 418 5.69 -9.84 20.04
CA THR A 418 5.57 -8.68 19.17
C THR A 418 4.28 -7.91 19.47
N PHE A 419 4.30 -6.63 19.12
CA PHE A 419 3.14 -5.76 19.25
C PHE A 419 2.96 -5.02 17.93
N LEU A 420 1.92 -5.39 17.18
CA LEU A 420 1.62 -4.77 15.90
C LEU A 420 0.50 -3.75 16.08
N VAL A 421 0.80 -2.49 15.80
CA VAL A 421 -0.21 -1.44 15.84
C VAL A 421 -0.78 -1.28 14.44
N GLY A 422 -2.10 -1.40 14.34
CA GLY A 422 -2.77 -1.26 13.05
C GLY A 422 -2.96 -2.57 12.33
N ALA A 423 -4.17 -2.78 11.80
CA ALA A 423 -4.51 -4.01 11.10
C ALA A 423 -5.11 -3.70 9.73
N GLY A 424 -4.74 -2.56 9.15
CA GLY A 424 -5.18 -2.22 7.81
C GLY A 424 -4.37 -2.93 6.76
N ALA A 425 -4.02 -2.23 5.68
CA ALA A 425 -3.30 -2.85 4.57
C ALA A 425 -1.92 -3.34 5.01
N ILE A 426 -1.14 -2.46 5.65
CA ILE A 426 0.22 -2.84 6.03
C ILE A 426 0.22 -3.84 7.17
N GLY A 427 -0.70 -3.68 8.13
CA GLY A 427 -0.76 -4.59 9.26
C GLY A 427 -1.09 -6.01 8.85
N CYS A 428 -2.04 -6.18 7.91
CA CYS A 428 -2.40 -7.51 7.45
C CYS A 428 -1.25 -8.16 6.70
N GLU A 429 -0.54 -7.40 5.86
CA GLU A 429 0.68 -7.91 5.25
C GLU A 429 1.70 -8.32 6.31
N MET A 430 1.79 -7.53 7.38
CA MET A 430 2.75 -7.82 8.44
C MET A 430 2.38 -9.11 9.16
N LEU A 431 1.11 -9.24 9.55
CA LEU A 431 0.66 -10.48 10.18
C LEU A 431 0.91 -11.68 9.29
N LYS A 432 0.63 -11.53 7.98
CA LYS A 432 0.93 -12.60 7.04
C LYS A 432 2.40 -12.99 7.11
N ASN A 433 3.30 -12.00 7.11
CA ASN A 433 4.72 -12.31 7.16
C ASN A 433 5.09 -12.97 8.47
N TRP A 434 4.45 -12.56 9.57
CA TRP A 434 4.78 -13.16 10.86
C TRP A 434 4.29 -14.61 10.95
N ALA A 435 3.16 -14.91 10.33
CA ALA A 435 2.62 -16.27 10.40
C ALA A 435 3.47 -17.25 9.61
N MET A 436 4.08 -16.81 8.52
CA MET A 436 4.92 -17.70 7.72
C MET A 436 6.31 -17.85 8.31
N MET A 437 6.71 -16.96 9.21
CA MET A 437 8.02 -17.05 9.84
C MET A 437 8.00 -17.79 11.17
N GLY A 438 6.82 -18.07 11.71
CA GLY A 438 6.72 -18.70 13.01
C GLY A 438 6.90 -17.76 14.18
N VAL A 439 6.65 -16.47 13.99
CA VAL A 439 6.74 -15.53 15.10
C VAL A 439 5.74 -15.91 16.18
N ALA A 440 6.20 -15.90 17.43
CA ALA A 440 5.35 -16.20 18.59
C ALA A 440 4.79 -17.62 18.56
N THR A 441 5.43 -18.52 17.80
CA THR A 441 4.98 -19.90 17.79
C THR A 441 5.36 -20.63 19.08
N GLY A 442 6.58 -20.39 19.57
CA GLY A 442 7.10 -21.11 20.70
C GLY A 442 6.41 -20.80 22.01
N GLU A 443 7.03 -21.28 23.09
CA GLU A 443 6.40 -21.27 24.41
C GLU A 443 6.13 -19.83 24.88
N SER A 444 7.19 -19.03 24.98
CA SER A 444 7.05 -17.68 25.51
C SER A 444 6.63 -16.67 24.44
N GLY A 445 6.21 -17.12 23.26
CA GLY A 445 5.86 -16.19 22.20
C GLY A 445 4.40 -15.74 22.29
N HIS A 446 4.16 -14.52 21.83
CA HIS A 446 2.82 -13.96 21.82
C HIS A 446 2.78 -12.76 20.87
N ILE A 447 1.68 -12.65 20.12
CA ILE A 447 1.44 -11.52 19.22
C ILE A 447 0.29 -10.70 19.78
N SER A 448 0.44 -9.38 19.76
CA SER A 448 -0.59 -8.46 20.21
C SER A 448 -0.91 -7.50 19.08
N VAL A 449 -2.16 -7.47 18.63
CA VAL A 449 -2.61 -6.64 17.53
C VAL A 449 -3.71 -5.72 18.02
N THR A 450 -3.66 -4.45 17.61
CA THR A 450 -4.68 -3.47 17.98
C THR A 450 -5.04 -2.60 16.79
N ASP A 451 -6.33 -2.32 16.65
CA ASP A 451 -6.84 -1.41 15.64
C ASP A 451 -8.27 -1.03 15.99
N MET A 452 -8.53 0.26 16.18
CA MET A 452 -9.87 0.69 16.57
C MET A 452 -10.87 0.55 15.45
N ASP A 453 -10.42 0.46 14.20
CA ASP A 453 -11.32 0.46 13.06
C ASP A 453 -11.95 -0.90 12.85
N SER A 454 -13.11 -0.88 12.18
CA SER A 454 -13.84 -2.07 11.78
C SER A 454 -13.80 -2.20 10.26
N ILE A 455 -14.26 -3.35 9.78
CA ILE A 455 -14.26 -3.64 8.36
C ILE A 455 -15.54 -3.09 7.74
N GLU A 456 -15.41 -2.38 6.63
CA GLU A 456 -16.56 -1.85 5.90
C GLU A 456 -16.69 -2.55 4.55
N LYS A 457 -17.75 -2.20 3.82
CA LYS A 457 -18.17 -2.94 2.65
C LYS A 457 -17.56 -2.44 1.35
N SER A 458 -17.12 -1.19 1.30
CA SER A 458 -16.75 -0.59 0.02
C SER A 458 -15.44 -1.16 -0.53
N ASN A 459 -14.45 -1.36 0.34
CA ASN A 459 -13.09 -1.69 -0.08
C ASN A 459 -12.79 -3.18 -0.03
N LEU A 460 -13.82 -4.02 0.08
CA LEU A 460 -13.58 -5.45 0.32
C LEU A 460 -12.77 -6.09 -0.79
N ASN A 461 -12.98 -5.67 -2.03
CA ASN A 461 -12.24 -6.22 -3.16
C ASN A 461 -10.82 -5.68 -3.26
N ARG A 462 -10.42 -4.81 -2.34
CA ARG A 462 -9.03 -4.39 -2.22
C ARG A 462 -8.38 -4.89 -0.94
N GLN A 463 -9.10 -5.67 -0.14
CA GLN A 463 -8.57 -6.19 1.11
C GLN A 463 -7.95 -7.57 0.90
N PHE A 464 -6.85 -7.83 1.61
CA PHE A 464 -6.13 -9.08 1.48
C PHE A 464 -6.75 -10.17 2.36
N LEU A 465 -7.00 -9.86 3.63
CA LEU A 465 -7.50 -10.86 4.57
C LEU A 465 -9.01 -10.77 4.80
N PHE A 466 -9.65 -9.68 4.40
CA PHE A 466 -11.05 -9.44 4.71
C PHE A 466 -11.93 -9.90 3.56
N ARG A 467 -13.03 -10.56 3.90
CA ARG A 467 -14.01 -11.07 2.96
C ARG A 467 -15.38 -10.55 3.33
N PRO A 468 -16.38 -10.68 2.45
CA PRO A 468 -17.70 -10.07 2.73
C PRO A 468 -18.35 -10.56 4.01
N ARG A 469 -18.00 -11.75 4.51
CA ARG A 469 -18.58 -12.26 5.73
C ARG A 469 -18.08 -11.53 6.97
N ASP A 470 -17.00 -10.76 6.86
CA ASP A 470 -16.39 -10.10 8.01
C ASP A 470 -16.87 -8.67 8.22
N VAL A 471 -17.82 -8.20 7.41
CA VAL A 471 -18.23 -6.80 7.47
C VAL A 471 -18.84 -6.48 8.81
N GLY A 472 -18.41 -5.38 9.42
CA GLY A 472 -18.85 -4.95 10.72
C GLY A 472 -17.94 -5.37 11.86
N LYS A 473 -17.22 -6.47 11.70
CA LYS A 473 -16.34 -6.94 12.75
C LYS A 473 -15.06 -6.11 12.82
N LEU A 474 -14.25 -6.37 13.84
CA LEU A 474 -13.02 -5.63 14.03
C LEU A 474 -11.97 -6.09 13.04
N LYS A 475 -11.17 -5.13 12.54
CA LYS A 475 -10.10 -5.46 11.61
C LYS A 475 -9.07 -6.37 12.28
N SER A 476 -8.64 -6.01 13.49
CA SER A 476 -7.60 -6.77 14.16
C SER A 476 -8.07 -8.19 14.48
N GLU A 477 -9.33 -8.32 14.90
CA GLU A 477 -9.85 -9.63 15.28
C GLU A 477 -9.95 -10.56 14.07
N CYS A 478 -10.46 -10.04 12.95
CA CYS A 478 -10.57 -10.87 11.75
C CYS A 478 -9.19 -11.19 11.18
N ALA A 479 -8.26 -10.23 11.28
CA ALA A 479 -6.92 -10.46 10.76
C ALA A 479 -6.21 -11.56 11.54
N SER A 480 -6.43 -11.61 12.86
CA SER A 480 -5.85 -12.67 13.68
C SER A 480 -6.40 -14.03 13.27
N THR A 481 -7.72 -14.09 13.00
CA THR A 481 -8.34 -15.35 12.63
C THR A 481 -7.83 -15.83 11.27
N ALA A 482 -7.78 -14.92 10.29
CA ALA A 482 -7.32 -15.29 8.95
C ALA A 482 -5.87 -15.74 8.97
N VAL A 483 -5.06 -15.14 9.85
CA VAL A 483 -3.66 -15.54 9.95
C VAL A 483 -3.53 -16.85 10.72
N SER A 484 -4.38 -17.06 11.73
CA SER A 484 -4.37 -18.32 12.45
C SER A 484 -4.79 -19.49 11.58
N ILE A 485 -5.40 -19.22 10.43
CA ILE A 485 -5.69 -20.29 9.46
C ILE A 485 -4.50 -20.52 8.53
N MET A 486 -3.78 -19.45 8.19
CA MET A 486 -2.54 -19.60 7.43
C MET A 486 -1.50 -20.39 8.22
N ASN A 487 -1.51 -20.23 9.54
CA ASN A 487 -0.58 -20.94 10.41
C ASN A 487 -1.35 -21.32 11.68
N PRO A 488 -1.85 -22.55 11.77
CA PRO A 488 -2.63 -22.94 12.96
C PRO A 488 -1.83 -22.90 14.25
N SER A 489 -0.50 -22.90 14.17
CA SER A 489 0.33 -22.81 15.37
C SER A 489 0.17 -21.47 16.08
N LEU A 490 -0.52 -20.51 15.48
CA LEU A 490 -0.73 -19.20 16.10
C LEU A 490 -2.04 -19.09 16.88
N THR A 491 -2.91 -20.11 16.80
CA THR A 491 -4.13 -20.09 17.58
C THR A 491 -3.82 -20.00 19.07
N GLY A 492 -4.43 -19.01 19.74
CA GLY A 492 -4.14 -18.75 21.13
C GLY A 492 -2.92 -17.90 21.38
N LYS A 493 -2.08 -17.67 20.37
CA LYS A 493 -0.89 -16.86 20.51
C LYS A 493 -1.12 -15.39 20.17
N ILE A 494 -2.25 -15.07 19.54
CA ILE A 494 -2.56 -13.72 19.10
C ILE A 494 -3.69 -13.17 19.97
N THR A 495 -3.51 -11.94 20.44
CA THR A 495 -4.52 -11.24 21.22
C THR A 495 -4.88 -9.96 20.48
N SER A 496 -6.16 -9.80 20.15
CA SER A 496 -6.64 -8.68 19.35
C SER A 496 -7.29 -7.64 20.26
N TYR A 497 -7.08 -6.36 19.91
CA TYR A 497 -7.66 -5.24 20.63
C TYR A 497 -8.39 -4.33 19.65
N GLN A 498 -9.21 -3.43 20.19
CA GLN A 498 -9.80 -2.34 19.43
C GLN A 498 -9.51 -1.03 20.18
N GLU A 499 -8.23 -0.76 20.38
CA GLU A 499 -7.78 0.37 21.18
C GLU A 499 -6.74 1.16 20.42
N ARG A 500 -6.72 2.46 20.69
CA ARG A 500 -5.65 3.32 20.21
C ARG A 500 -4.47 3.27 21.18
N VAL A 501 -3.26 3.28 20.62
CA VAL A 501 -2.06 3.42 21.44
C VAL A 501 -1.99 4.88 21.86
N GLY A 502 -2.48 5.18 23.07
CA GLY A 502 -2.69 6.54 23.46
C GLY A 502 -2.13 6.91 24.82
N PRO A 503 -2.78 7.88 25.47
CA PRO A 503 -2.17 8.55 26.62
C PRO A 503 -1.80 7.61 27.77
N GLU A 504 -0.52 7.66 28.13
CA GLU A 504 0.08 7.22 29.40
C GLU A 504 -0.71 6.19 30.19
N SER A 505 -1.05 6.55 31.44
CA SER A 505 -1.68 5.60 32.35
C SER A 505 -3.02 5.11 31.81
N GLU A 506 -3.74 5.98 31.10
CA GLU A 506 -5.01 5.55 30.50
C GLU A 506 -4.78 4.45 29.47
N GLY A 507 -3.63 4.46 28.80
CA GLY A 507 -3.18 3.34 27.98
C GLY A 507 -4.06 2.94 26.81
N ILE A 508 -4.68 1.76 26.92
CA ILE A 508 -4.54 0.92 28.10
C ILE A 508 -3.50 -0.18 27.84
N PHE A 509 -2.30 0.27 27.49
CA PHE A 509 -1.13 -0.58 27.34
C PHE A 509 -0.09 -0.03 28.32
N GLY A 510 -0.01 -0.64 29.50
CA GLY A 510 0.79 -0.12 30.58
C GLY A 510 2.22 -0.63 30.55
N ASP A 511 2.93 -0.35 31.65
CA ASP A 511 4.33 -0.76 31.77
C ASP A 511 4.46 -2.28 31.72
N GLU A 512 3.53 -3.00 32.34
CA GLU A 512 3.59 -4.46 32.30
C GLU A 512 3.44 -4.97 30.87
N PHE A 513 2.65 -4.29 30.05
CA PHE A 513 2.43 -4.74 28.68
C PHE A 513 3.67 -4.53 27.83
N PHE A 514 4.33 -3.38 27.97
CA PHE A 514 5.45 -3.06 27.10
C PHE A 514 6.72 -3.77 27.49
N GLU A 515 6.91 -4.07 28.78
CA GLU A 515 8.13 -4.72 29.23
C GLU A 515 8.23 -6.17 28.78
N LYS A 516 7.10 -6.83 28.53
CA LYS A 516 7.17 -8.20 28.01
C LYS A 516 7.59 -8.22 26.56
N LEU A 517 7.37 -7.13 25.84
CA LEU A 517 7.50 -7.11 24.39
C LEU A 517 8.95 -7.28 23.95
N SER A 518 9.12 -7.97 22.82
CA SER A 518 10.41 -8.05 22.15
C SER A 518 10.63 -6.89 21.18
N LEU A 519 9.56 -6.45 20.52
CA LEU A 519 9.65 -5.34 19.58
C LEU A 519 8.25 -4.83 19.28
N VAL A 520 8.19 -3.68 18.60
CA VAL A 520 6.94 -3.06 18.20
C VAL A 520 7.05 -2.73 16.71
N THR A 521 5.95 -2.97 15.98
CA THR A 521 5.86 -2.62 14.58
C THR A 521 4.65 -1.72 14.39
N ASN A 522 4.88 -0.52 13.87
CA ASN A 522 3.83 0.46 13.65
C ASN A 522 3.40 0.41 12.18
N ALA A 523 2.15 0.06 11.94
CA ALA A 523 1.60 -0.03 10.59
C ALA A 523 0.44 0.94 10.39
N LEU A 524 0.43 2.04 11.12
CA LEU A 524 -0.58 3.08 10.98
C LEU A 524 0.05 4.35 10.44
N ASP A 525 -0.69 5.05 9.59
CA ASP A 525 -0.28 6.37 9.14
C ASP A 525 -0.68 7.47 10.12
N ASN A 526 -1.42 7.13 11.17
CA ASN A 526 -1.92 8.13 12.10
C ASN A 526 -0.76 8.89 12.75
N VAL A 527 -0.88 10.22 12.78
CA VAL A 527 0.16 11.04 13.40
C VAL A 527 0.10 10.90 14.92
N GLU A 528 -1.12 10.81 15.48
CA GLU A 528 -1.29 10.56 16.90
C GLU A 528 -0.54 9.30 17.33
N ALA A 529 -0.87 8.17 16.72
CA ALA A 529 -0.26 6.90 17.11
C ALA A 529 1.25 6.92 16.97
N ARG A 530 1.76 7.53 15.89
CA ARG A 530 3.21 7.57 15.68
C ARG A 530 3.91 8.29 16.83
N MET A 531 3.33 9.38 17.32
CA MET A 531 3.94 10.11 18.42
C MET A 531 4.03 9.25 19.67
N TYR A 532 2.91 8.61 20.05
CA TYR A 532 2.90 7.78 21.25
C TYR A 532 3.77 6.54 21.08
N VAL A 533 3.64 5.85 19.96
CA VAL A 533 4.42 4.63 19.73
C VAL A 533 5.91 4.93 19.77
N ASP A 534 6.33 6.02 19.13
CA ASP A 534 7.73 6.44 19.22
C ASP A 534 8.12 6.72 20.67
N ARG A 535 7.33 7.52 21.36
CA ARG A 535 7.66 7.94 22.72
C ARG A 535 7.71 6.75 23.67
N ARG A 536 6.79 5.80 23.50
CA ARG A 536 6.75 4.65 24.40
C ARG A 536 7.94 3.73 24.18
N CYS A 537 8.34 3.54 22.91
CA CYS A 537 9.46 2.65 22.62
C CYS A 537 10.78 3.21 23.12
N VAL A 538 10.92 4.54 23.17
CA VAL A 538 12.11 5.14 23.76
C VAL A 538 12.16 4.86 25.24
N PHE A 539 11.04 5.05 25.93
CA PHE A 539 11.02 4.92 27.38
C PHE A 539 11.26 3.48 27.82
N PHE A 540 10.63 2.52 27.16
CA PHE A 540 10.79 1.12 27.53
C PHE A 540 11.96 0.44 26.82
N GLU A 541 12.67 1.17 25.96
CA GLU A 541 13.85 0.65 25.27
C GLU A 541 13.52 -0.59 24.44
N LYS A 542 12.42 -0.50 23.69
CA LYS A 542 12.06 -1.62 22.85
C LYS A 542 12.31 -1.27 21.38
N PRO A 543 12.81 -2.22 20.59
CA PRO A 543 13.01 -1.95 19.16
C PRO A 543 11.70 -1.60 18.48
N LEU A 544 11.79 -0.72 17.49
CA LEU A 544 10.63 -0.24 16.76
C LEU A 544 10.86 -0.34 15.27
N LEU A 545 9.90 -0.92 14.56
CA LEU A 545 9.88 -0.95 13.10
C LEU A 545 8.71 -0.11 12.61
N GLU A 546 8.99 0.82 11.73
CA GLU A 546 7.99 1.77 11.26
C GLU A 546 7.91 1.72 9.74
N SER A 547 6.72 1.91 9.19
CA SER A 547 6.50 1.80 7.76
C SER A 547 5.31 2.66 7.35
N GLY A 548 5.36 3.15 6.11
CA GLY A 548 4.27 3.92 5.56
C GLY A 548 4.35 3.93 4.05
N THR A 549 3.21 4.21 3.43
CA THR A 549 3.11 4.24 1.98
C THR A 549 2.29 5.44 1.55
N LEU A 550 2.58 5.92 0.34
CA LEU A 550 1.80 7.01 -0.27
C LEU A 550 1.85 6.76 -1.78
N GLY A 551 0.86 6.06 -2.30
CA GLY A 551 0.86 5.70 -3.71
C GLY A 551 1.99 4.73 -4.00
N THR A 552 2.80 5.08 -5.00
CA THR A 552 3.95 4.25 -5.36
C THR A 552 5.14 4.44 -4.42
N LYS A 553 5.13 5.51 -3.63
CA LYS A 553 6.23 5.78 -2.71
C LYS A 553 5.99 5.11 -1.37
N GLY A 554 7.07 4.67 -0.75
CA GLY A 554 7.01 4.15 0.60
C GLY A 554 8.39 4.24 1.23
N ASN A 555 8.41 4.10 2.56
CA ASN A 555 9.68 4.05 3.25
C ASN A 555 9.53 3.26 4.55
N THR A 556 10.66 2.75 5.03
CA THR A 556 10.72 1.96 6.25
C THR A 556 11.73 2.58 7.19
N GLN A 557 11.49 2.41 8.49
CA GLN A 557 12.33 2.98 9.52
C GLN A 557 12.54 1.95 10.61
N VAL A 558 13.79 1.77 11.03
CA VAL A 558 14.13 0.86 12.12
C VAL A 558 14.76 1.68 13.24
N VAL A 559 14.20 1.56 14.43
CA VAL A 559 14.71 2.23 15.62
C VAL A 559 15.27 1.17 16.54
N VAL A 560 16.55 1.28 16.84
CA VAL A 560 17.26 0.30 17.69
C VAL A 560 17.68 1.00 18.97
N PRO A 561 17.30 0.48 20.14
CA PRO A 561 17.65 1.15 21.39
C PRO A 561 19.16 1.18 21.61
N HIS A 562 19.64 2.31 22.14
CA HIS A 562 21.06 2.51 22.46
C HIS A 562 21.92 2.43 21.21
N LEU A 563 21.43 2.97 20.10
CA LEU A 563 22.14 2.89 18.84
C LEU A 563 21.74 4.01 17.89
N THR A 564 20.49 4.01 17.46
CA THR A 564 20.01 4.92 16.44
C THR A 564 19.21 6.08 17.05
N GLU A 565 18.82 7.02 16.19
CA GLU A 565 17.91 8.07 16.59
C GLU A 565 16.50 7.52 16.76
N SER A 566 15.74 8.14 17.66
CA SER A 566 14.41 7.67 18.00
C SER A 566 13.37 8.00 16.94
N TYR A 567 13.71 8.84 15.97
CA TYR A 567 12.73 9.30 15.01
C TYR A 567 13.06 8.86 13.59
N GLY A 568 14.22 9.24 13.06
CA GLY A 568 14.45 9.13 11.64
C GLY A 568 13.46 10.00 10.89
N SER A 569 12.18 9.64 10.99
CA SER A 569 11.07 10.48 10.54
C SER A 569 11.17 10.79 9.06
N SER A 570 10.52 11.86 8.62
CA SER A 570 10.45 12.23 7.21
C SER A 570 9.91 11.08 6.37
N GLN A 571 8.89 10.42 6.89
CA GLN A 571 8.07 9.54 6.07
C GLN A 571 7.15 10.42 5.22
N ASP A 572 6.39 9.79 4.32
CA ASP A 572 5.46 10.55 3.51
C ASP A 572 4.28 11.01 4.38
N PRO A 573 3.77 12.21 4.14
CA PRO A 573 2.65 12.70 4.95
C PRO A 573 1.40 11.86 4.72
N PRO A 574 0.52 11.76 5.72
CA PRO A 574 -0.65 10.88 5.58
C PRO A 574 -1.77 11.47 4.74
N GLU A 575 -2.91 10.78 4.70
CA GLU A 575 -4.09 11.25 4.01
C GLU A 575 -5.32 10.97 4.87
N LYS A 576 -6.47 11.46 4.44
CA LYS A 576 -7.69 11.42 5.24
C LYS A 576 -8.56 10.24 4.84
N SER A 577 -9.67 10.08 5.56
CA SER A 577 -10.68 9.08 5.24
C SER A 577 -12.03 9.62 5.71
N PHE A 578 -13.11 9.09 5.12
CA PHE A 578 -14.42 9.67 5.37
C PHE A 578 -15.39 8.65 5.94
N PRO A 579 -16.30 9.06 6.82
CA PRO A 579 -17.31 8.14 7.33
C PRO A 579 -18.29 7.72 6.25
N ILE A 580 -18.85 6.51 6.42
CA ILE A 580 -19.75 5.96 5.41
C ILE A 580 -21.05 6.76 5.37
N ALA A 581 -21.64 7.03 6.53
CA ALA A 581 -22.91 7.76 6.57
C ALA A 581 -22.76 9.19 6.09
N THR A 582 -21.55 9.75 6.11
CA THR A 582 -21.35 11.11 5.64
C THR A 582 -21.35 11.17 4.12
N LEU A 583 -20.59 10.29 3.47
CA LEU A 583 -20.56 10.27 2.00
C LEU A 583 -21.92 9.90 1.41
N LYS A 584 -22.56 8.88 1.98
CA LYS A 584 -23.77 8.33 1.39
C LYS A 584 -25.01 9.18 1.64
N ASN A 585 -25.10 9.82 2.80
CA ASN A 585 -26.36 10.47 3.16
C ASN A 585 -26.22 11.91 3.65
N PHE A 586 -25.18 12.22 4.42
CA PHE A 586 -25.04 13.52 5.08
C PHE A 586 -23.71 14.19 4.74
N PRO A 587 -23.54 14.66 3.51
CA PRO A 587 -22.35 15.43 3.17
C PRO A 587 -22.51 16.90 3.56
N ASN A 588 -21.40 17.50 3.98
CA ASN A 588 -21.37 18.92 4.32
C ASN A 588 -20.17 19.67 3.74
N ARG A 589 -19.27 18.96 3.05
CA ARG A 589 -18.13 19.59 2.40
C ARG A 589 -18.06 19.13 0.96
N ILE A 590 -17.41 19.95 0.11
CA ILE A 590 -17.31 19.62 -1.30
C ILE A 590 -16.48 18.35 -1.52
N GLU A 591 -15.58 18.03 -0.59
CA GLU A 591 -14.81 16.81 -0.72
C GLU A 591 -15.69 15.57 -0.57
N HIS A 592 -16.80 15.70 0.17
CA HIS A 592 -17.70 14.56 0.34
C HIS A 592 -18.43 14.24 -0.96
N THR A 593 -18.91 15.27 -1.65
CA THR A 593 -19.58 15.05 -2.93
C THR A 593 -18.63 14.48 -3.98
N ILE A 594 -17.34 14.78 -3.88
CA ILE A 594 -16.39 14.32 -4.89
C ILE A 594 -16.11 12.84 -4.72
N ALA A 595 -15.89 12.40 -3.48
CA ALA A 595 -15.73 10.97 -3.23
C ALA A 595 -16.99 10.21 -3.64
N TRP A 596 -18.16 10.78 -3.32
CA TRP A 596 -19.42 10.16 -3.71
C TRP A 596 -19.55 10.10 -5.24
N ALA A 597 -19.02 11.11 -5.94
CA ALA A 597 -19.09 11.08 -7.39
C ALA A 597 -18.08 10.09 -7.98
N ARG A 598 -16.92 9.95 -7.35
CA ARG A 598 -15.94 8.98 -7.83
C ARG A 598 -16.43 7.55 -7.62
N ASP A 599 -17.08 7.29 -6.49
CA ASP A 599 -17.62 5.95 -6.26
C ASP A 599 -18.80 5.67 -7.19
N LEU A 600 -19.61 6.69 -7.49
CA LEU A 600 -20.71 6.53 -8.44
C LEU A 600 -20.19 6.17 -9.82
N PHE A 601 -19.14 6.85 -10.28
CA PHE A 601 -18.50 6.52 -11.55
C PHE A 601 -18.15 5.04 -11.61
N GLU A 602 -17.65 4.48 -10.50
CA GLU A 602 -17.29 3.07 -10.49
C GLU A 602 -18.50 2.16 -10.56
N GLY A 603 -19.63 2.60 -10.01
CA GLY A 603 -20.81 1.75 -9.96
C GLY A 603 -21.66 1.78 -11.22
N LEU A 604 -21.47 2.79 -12.08
CA LEU A 604 -22.25 2.90 -13.30
C LEU A 604 -21.50 2.41 -14.52
N PHE A 605 -20.18 2.64 -14.59
CA PHE A 605 -19.41 2.39 -15.81
C PHE A 605 -18.25 1.43 -15.60
N LYS A 606 -18.15 0.79 -14.44
CA LYS A 606 -17.03 -0.10 -14.17
C LYS A 606 -17.49 -1.45 -13.63
N GLN A 607 -17.90 -1.47 -12.36
CA GLN A 607 -18.22 -2.74 -11.71
C GLN A 607 -19.31 -3.53 -12.43
N PRO A 608 -20.43 -2.93 -12.84
CA PRO A 608 -21.42 -3.73 -13.59
C PRO A 608 -20.90 -4.25 -14.91
N ILE A 609 -20.03 -3.50 -15.58
CA ILE A 609 -19.42 -3.99 -16.82
C ILE A 609 -18.55 -5.19 -16.55
N ASP A 610 -17.81 -5.18 -15.43
CA ASP A 610 -16.98 -6.33 -15.09
C ASP A 610 -17.83 -7.56 -14.81
N ASN A 611 -18.93 -7.39 -14.08
CA ASN A 611 -19.82 -8.52 -13.80
C ASN A 611 -20.40 -9.08 -15.09
N VAL A 612 -20.71 -8.22 -16.06
CA VAL A 612 -21.27 -8.70 -17.31
C VAL A 612 -20.24 -9.50 -18.10
N ASN A 613 -19.02 -8.97 -18.21
CA ASN A 613 -17.98 -9.63 -18.99
C ASN A 613 -17.62 -10.99 -18.38
N MET A 614 -17.59 -11.08 -17.05
CA MET A 614 -17.28 -12.37 -16.42
C MET A 614 -18.41 -13.36 -16.63
N TYR A 615 -19.66 -12.90 -16.58
CA TYR A 615 -20.79 -13.80 -16.83
C TYR A 615 -20.76 -14.35 -18.24
N LEU A 616 -20.25 -13.58 -19.21
CA LEU A 616 -20.10 -14.04 -20.58
C LEU A 616 -18.78 -14.79 -20.82
N SER A 617 -17.92 -14.88 -19.80
CA SER A 617 -16.62 -15.52 -19.96
C SER A 617 -16.47 -16.73 -19.04
N SER A 618 -16.52 -16.54 -17.73
CA SER A 618 -16.36 -17.64 -16.80
C SER A 618 -17.62 -18.51 -16.79
N PRO A 619 -17.53 -19.80 -17.11
CA PRO A 619 -18.73 -20.64 -17.09
C PRO A 619 -19.26 -20.86 -15.68
N ASN A 620 -18.39 -20.93 -14.67
CA ASN A 620 -18.79 -21.14 -13.29
C ASN A 620 -19.05 -19.82 -12.56
N PHE A 621 -19.34 -18.74 -13.28
CA PHE A 621 -19.49 -17.44 -12.64
C PHE A 621 -20.71 -17.39 -11.73
N LEU A 622 -21.75 -18.18 -12.03
CA LEU A 622 -22.95 -18.15 -11.21
C LEU A 622 -22.66 -18.59 -9.77
N GLU A 623 -21.92 -19.69 -9.62
CA GLU A 623 -21.59 -20.17 -8.29
C GLU A 623 -20.37 -19.45 -7.71
N THR A 624 -19.42 -19.05 -8.57
CA THR A 624 -18.25 -18.31 -8.08
C THR A 624 -18.67 -16.98 -7.46
N SER A 625 -19.67 -16.31 -8.04
CA SER A 625 -20.11 -15.03 -7.52
C SER A 625 -20.86 -15.18 -6.20
N LEU A 626 -21.51 -16.32 -5.98
CA LEU A 626 -22.24 -16.51 -4.73
C LEU A 626 -21.29 -16.56 -3.53
N LYS A 627 -20.13 -17.19 -3.69
CA LYS A 627 -19.18 -17.30 -2.59
C LYS A 627 -18.33 -16.04 -2.45
N THR A 628 -18.04 -15.35 -3.55
CA THR A 628 -17.07 -14.25 -3.54
C THR A 628 -17.73 -12.89 -3.35
N SER A 629 -18.83 -12.63 -4.08
CA SER A 629 -19.38 -11.28 -4.12
C SER A 629 -19.88 -10.84 -2.75
N SER A 630 -19.79 -9.54 -2.50
CA SER A 630 -20.34 -8.97 -1.28
C SER A 630 -21.85 -8.77 -1.38
N ASN A 631 -22.36 -8.51 -2.58
CA ASN A 631 -23.80 -8.36 -2.83
C ASN A 631 -24.13 -9.19 -4.06
N PRO A 632 -24.33 -10.50 -3.90
CA PRO A 632 -24.57 -11.37 -5.07
C PRO A 632 -25.84 -11.04 -5.82
N ARG A 633 -26.82 -10.40 -5.18
CA ARG A 633 -28.04 -10.02 -5.88
C ARG A 633 -27.81 -8.80 -6.77
N GLU A 634 -27.06 -7.80 -6.27
CA GLU A 634 -26.71 -6.66 -7.10
C GLU A 634 -25.85 -7.07 -8.29
N VAL A 635 -25.04 -8.12 -8.14
CA VAL A 635 -24.27 -8.63 -9.27
C VAL A 635 -25.22 -9.13 -10.36
N LEU A 636 -26.24 -9.90 -9.95
CA LEU A 636 -27.18 -10.44 -10.92
C LEU A 636 -28.06 -9.34 -11.51
N GLU A 637 -28.45 -8.36 -10.71
CA GLU A 637 -29.21 -7.24 -11.25
C GLU A 637 -28.38 -6.42 -12.21
N ASN A 638 -27.07 -6.31 -11.96
CA ASN A 638 -26.19 -5.63 -12.92
C ASN A 638 -26.22 -6.34 -14.26
N ILE A 639 -26.12 -7.68 -14.24
CA ILE A 639 -26.08 -8.44 -15.48
C ILE A 639 -27.41 -8.31 -16.23
N ARG A 640 -28.52 -8.36 -15.50
CA ARG A 640 -29.82 -8.23 -16.15
C ARG A 640 -30.03 -6.82 -16.67
N ASP A 641 -29.71 -5.80 -15.87
CA ASP A 641 -29.95 -4.43 -16.31
C ASP A 641 -29.08 -4.06 -17.51
N TYR A 642 -27.84 -4.53 -17.55
CA TYR A 642 -26.91 -4.06 -18.59
C TYR A 642 -26.94 -4.92 -19.84
N LEU A 643 -27.42 -6.17 -19.77
CA LEU A 643 -27.44 -7.05 -20.93
C LEU A 643 -28.78 -7.11 -21.65
N VAL A 644 -29.90 -6.81 -20.97
CA VAL A 644 -31.19 -6.97 -21.63
C VAL A 644 -32.13 -5.82 -21.29
N THR A 645 -32.32 -5.54 -20.01
CA THR A 645 -33.36 -4.58 -19.61
C THR A 645 -33.07 -3.18 -20.14
N GLU A 646 -31.82 -2.72 -20.03
CA GLU A 646 -31.47 -1.35 -20.37
C GLU A 646 -30.30 -1.28 -21.34
N LYS A 647 -30.04 -2.34 -22.09
CA LYS A 647 -29.04 -2.30 -23.15
C LYS A 647 -29.52 -1.36 -24.24
N PRO A 648 -28.78 -0.30 -24.57
CA PRO A 648 -29.26 0.65 -25.57
C PRO A 648 -28.94 0.22 -26.99
N LEU A 649 -29.84 0.58 -27.91
CA LEU A 649 -29.60 0.42 -29.34
C LEU A 649 -28.82 1.59 -29.92
N SER A 650 -29.27 2.80 -29.64
CA SER A 650 -28.68 4.02 -30.15
C SER A 650 -28.24 4.91 -29.01
N PHE A 651 -27.56 6.01 -29.37
CA PHE A 651 -27.18 7.00 -28.36
C PHE A 651 -28.39 7.72 -27.78
N GLU A 652 -29.51 7.72 -28.50
CA GLU A 652 -30.72 8.34 -27.96
C GLU A 652 -31.23 7.60 -26.73
N GLU A 653 -31.01 6.29 -26.66
CA GLU A 653 -31.34 5.55 -25.45
C GLU A 653 -30.29 5.70 -24.36
N CYS A 654 -29.05 6.03 -24.73
CA CYS A 654 -28.06 6.41 -23.73
C CYS A 654 -28.43 7.72 -23.05
N ILE A 655 -29.07 8.64 -23.78
CA ILE A 655 -29.50 9.89 -23.18
C ILE A 655 -30.66 9.65 -22.23
N MET A 656 -31.56 8.73 -22.60
CA MET A 656 -32.68 8.40 -21.71
C MET A 656 -32.19 7.69 -20.46
N TRP A 657 -31.19 6.82 -20.59
CA TRP A 657 -30.58 6.21 -19.41
C TRP A 657 -29.92 7.25 -18.52
N ALA A 658 -29.19 8.19 -19.14
CA ALA A 658 -28.54 9.24 -18.35
C ALA A 658 -29.56 10.15 -17.68
N ARG A 659 -30.67 10.42 -18.37
CA ARG A 659 -31.72 11.24 -17.79
C ARG A 659 -32.35 10.55 -16.60
N LEU A 660 -32.52 9.22 -16.68
CA LEU A 660 -33.05 8.46 -15.56
C LEU A 660 -32.09 8.50 -14.38
N GLN A 661 -30.78 8.50 -14.64
CA GLN A 661 -29.80 8.55 -13.56
C GLN A 661 -29.89 9.86 -12.80
N PHE A 662 -30.20 10.97 -13.49
CA PHE A 662 -30.34 12.26 -12.82
C PHE A 662 -31.38 12.18 -11.71
N ASP A 663 -32.58 11.69 -12.04
CA ASP A 663 -33.60 11.53 -11.00
C ASP A 663 -33.17 10.54 -9.94
N LYS A 664 -32.36 9.55 -10.32
CA LYS A 664 -32.04 8.45 -9.42
C LYS A 664 -31.08 8.88 -8.32
N PHE A 665 -30.19 9.84 -8.58
CA PHE A 665 -29.16 10.21 -7.63
C PHE A 665 -29.22 11.66 -7.18
N PHE A 666 -30.04 12.51 -7.79
CA PHE A 666 -30.17 13.88 -7.35
C PHE A 666 -31.62 14.27 -7.05
N ASN A 667 -32.54 13.30 -7.07
CA ASN A 667 -33.95 13.58 -6.84
C ASN A 667 -34.61 12.46 -6.05
N ASN A 668 -34.66 11.25 -6.62
CA ASN A 668 -35.34 10.14 -5.96
C ASN A 668 -34.71 9.79 -4.63
N ASN A 669 -33.37 9.83 -4.55
CA ASN A 669 -32.71 9.48 -3.29
C ASN A 669 -32.88 10.58 -2.25
N ILE A 670 -33.03 11.83 -2.68
CA ILE A 670 -33.22 12.93 -1.75
C ILE A 670 -34.65 12.95 -1.22
N GLN A 671 -35.63 12.65 -2.08
CA GLN A 671 -37.00 12.46 -1.61
C GLN A 671 -37.06 11.32 -0.61
N GLN A 672 -36.32 10.24 -0.87
CA GLN A 672 -36.23 9.14 0.09
C GLN A 672 -35.63 9.60 1.41
N LEU A 673 -34.56 10.40 1.34
CA LEU A 673 -33.89 10.86 2.55
C LEU A 673 -34.81 11.77 3.37
N LEU A 674 -35.47 12.72 2.70
CA LEU A 674 -36.43 13.57 3.38
C LEU A 674 -37.65 12.79 3.85
N PHE A 675 -37.92 11.62 3.28
CA PHE A 675 -39.04 10.81 3.73
C PHE A 675 -38.76 10.16 5.06
N ASN A 676 -37.58 9.55 5.21
CA ASN A 676 -37.22 8.94 6.50
C ASN A 676 -37.03 10.02 7.56
N PHE A 677 -36.47 11.16 7.17
CA PHE A 677 -36.21 12.27 8.09
C PHE A 677 -36.68 13.56 7.44
N PRO A 678 -37.89 14.03 7.75
CA PRO A 678 -38.37 15.28 7.16
C PRO A 678 -37.48 16.45 7.55
N LYS A 679 -37.69 17.58 6.85
CA LYS A 679 -36.85 18.75 7.03
C LYS A 679 -36.90 19.29 8.46
N ASP A 680 -37.95 18.97 9.22
CA ASP A 680 -38.14 19.51 10.56
C ASP A 680 -38.42 18.43 11.59
N SER A 681 -37.90 17.21 11.37
CA SER A 681 -38.00 16.18 12.38
C SER A 681 -36.97 16.44 13.49
N VAL A 682 -37.14 15.72 14.61
CA VAL A 682 -36.33 15.95 15.80
C VAL A 682 -35.69 14.64 16.25
N THR A 683 -34.63 14.78 17.04
CA THR A 683 -33.89 13.65 17.58
C THR A 683 -34.53 13.23 18.90
N SER A 684 -33.82 12.43 19.70
CA SER A 684 -34.32 12.05 21.01
C SER A 684 -34.31 13.23 21.97
N THR A 685 -33.41 14.19 21.76
CA THR A 685 -33.32 15.34 22.66
C THR A 685 -34.46 16.32 22.43
N GLY A 686 -34.98 16.39 21.21
CA GLY A 686 -35.96 17.40 20.84
C GLY A 686 -35.40 18.46 19.92
N GLN A 687 -34.10 18.43 19.65
CA GLN A 687 -33.45 19.36 18.74
C GLN A 687 -33.67 18.93 17.30
N PRO A 688 -33.62 19.87 16.34
CA PRO A 688 -33.80 19.50 14.94
C PRO A 688 -32.77 18.47 14.49
N PHE A 689 -33.22 17.53 13.65
CA PHE A 689 -32.32 16.51 13.13
C PHE A 689 -31.32 17.12 12.14
N TRP A 690 -31.79 18.03 11.29
CA TRP A 690 -30.94 18.67 10.28
C TRP A 690 -30.27 19.88 10.90
N SER A 691 -29.12 19.66 11.55
CA SER A 691 -28.38 20.73 12.19
C SER A 691 -26.93 20.29 12.35
N GLY A 692 -26.02 21.24 12.16
CA GLY A 692 -24.60 20.98 12.27
C GLY A 692 -24.04 20.27 11.06
N PRO A 693 -23.37 19.13 11.29
CA PRO A 693 -22.81 18.37 10.16
C PRO A 693 -23.86 17.80 9.21
N LYS A 694 -25.13 17.79 9.60
CA LYS A 694 -26.21 17.29 8.74
C LYS A 694 -26.94 18.48 8.13
N ARG A 695 -26.84 18.62 6.82
CA ARG A 695 -27.47 19.72 6.10
C ARG A 695 -28.72 19.22 5.38
N ALA A 696 -29.79 19.99 5.47
CA ALA A 696 -31.06 19.59 4.89
C ALA A 696 -31.01 19.65 3.38
N PRO A 697 -31.17 18.54 2.68
CA PRO A 697 -31.08 18.55 1.21
C PRO A 697 -32.41 18.95 0.58
N THR A 698 -32.36 19.13 -0.74
CA THR A 698 -33.53 19.51 -1.53
C THR A 698 -33.44 18.86 -2.90
N PRO A 699 -34.42 18.04 -3.28
CA PRO A 699 -34.35 17.34 -4.57
C PRO A 699 -34.29 18.32 -5.73
N LEU A 700 -33.55 17.93 -6.76
CA LEU A 700 -33.39 18.75 -7.94
C LEU A 700 -34.42 18.36 -8.99
N SER A 701 -35.03 19.37 -9.60
CA SER A 701 -35.81 19.17 -10.81
C SER A 701 -34.90 19.42 -12.01
N PHE A 702 -35.01 18.56 -13.02
CA PHE A 702 -34.12 18.64 -14.16
C PHE A 702 -34.40 19.90 -14.97
N ASP A 703 -33.39 20.76 -15.09
CA ASP A 703 -33.43 21.95 -15.92
C ASP A 703 -32.45 21.74 -17.06
N ILE A 704 -32.97 21.59 -18.28
CA ILE A 704 -32.11 21.32 -19.41
C ILE A 704 -31.23 22.52 -19.75
N HIS A 705 -31.67 23.73 -19.42
CA HIS A 705 -30.89 24.93 -19.65
C HIS A 705 -30.06 25.34 -18.43
N ASN A 706 -29.77 24.41 -17.54
CA ASN A 706 -28.84 24.62 -16.44
C ASN A 706 -27.54 23.90 -16.77
N ARG A 707 -26.42 24.62 -16.62
CA ARG A 707 -25.12 24.09 -17.08
C ARG A 707 -24.75 22.80 -16.35
N GLU A 708 -24.92 22.77 -15.03
CA GLU A 708 -24.54 21.58 -14.27
C GLU A 708 -25.42 20.39 -14.61
N HIS A 709 -26.73 20.61 -14.77
CA HIS A 709 -27.63 19.52 -15.12
C HIS A 709 -27.28 18.94 -16.48
N PHE A 710 -27.07 19.82 -17.47
CA PHE A 710 -26.80 19.37 -18.83
C PHE A 710 -25.44 18.68 -18.94
N ASP A 711 -24.43 19.20 -18.21
CA ASP A 711 -23.10 18.59 -18.28
C ASP A 711 -23.10 17.16 -17.74
N PHE A 712 -24.02 16.86 -16.81
CA PHE A 712 -24.15 15.50 -16.31
C PHE A 712 -24.73 14.57 -17.37
N ILE A 713 -25.78 15.01 -18.09
CA ILE A 713 -26.40 14.16 -19.10
C ILE A 713 -25.38 13.80 -20.18
N VAL A 714 -24.68 14.80 -20.71
CA VAL A 714 -23.69 14.54 -21.74
C VAL A 714 -22.63 13.58 -21.24
N ALA A 715 -22.13 13.80 -20.02
CA ALA A 715 -21.07 12.95 -19.49
C ALA A 715 -21.57 11.53 -19.23
N ALA A 716 -22.77 11.39 -18.65
CA ALA A 716 -23.28 10.06 -18.33
C ALA A 716 -23.66 9.30 -19.59
N ALA A 717 -24.39 9.96 -20.50
CA ALA A 717 -24.81 9.28 -21.72
C ALA A 717 -23.60 8.88 -22.57
N SER A 718 -22.59 9.75 -22.65
CA SER A 718 -21.39 9.41 -23.42
C SER A 718 -20.62 8.27 -22.76
N LEU A 719 -20.58 8.26 -21.43
CA LEU A 719 -19.92 7.15 -20.73
C LEU A 719 -20.72 5.86 -20.89
N TYR A 720 -22.05 5.96 -20.87
CA TYR A 720 -22.88 4.78 -21.08
C TYR A 720 -22.70 4.25 -22.49
N ALA A 721 -22.69 5.14 -23.48
CA ALA A 721 -22.43 4.72 -24.86
C ALA A 721 -21.03 4.16 -25.02
N PHE A 722 -20.08 4.63 -24.21
CA PHE A 722 -18.74 4.08 -24.24
C PHE A 722 -18.74 2.60 -23.85
N ASN A 723 -19.52 2.24 -22.84
CA ASN A 723 -19.55 0.85 -22.39
C ASN A 723 -20.06 -0.09 -23.47
N TYR A 724 -20.95 0.39 -24.34
CA TYR A 724 -21.55 -0.44 -25.37
C TYR A 724 -20.97 -0.19 -26.76
N GLY A 725 -19.99 0.71 -26.87
CA GLY A 725 -19.36 1.00 -28.14
C GLY A 725 -20.25 1.74 -29.11
N LEU A 726 -20.86 2.84 -28.67
CA LEU A 726 -21.75 3.64 -29.52
C LEU A 726 -21.14 5.02 -29.74
N LYS A 727 -21.52 5.63 -30.86
CA LYS A 727 -21.02 6.96 -31.21
C LYS A 727 -21.73 8.01 -30.37
N SER A 728 -20.95 8.78 -29.61
CA SER A 728 -21.51 9.76 -28.68
C SER A 728 -21.77 11.07 -29.42
N GLU A 729 -23.04 11.44 -29.54
CA GLU A 729 -23.41 12.73 -30.12
C GLU A 729 -23.13 13.85 -29.12
N THR A 730 -22.84 15.04 -29.66
CA THR A 730 -22.63 16.22 -28.84
C THR A 730 -23.56 17.37 -29.24
N ASP A 731 -24.43 17.16 -30.21
CA ASP A 731 -25.37 18.18 -30.67
C ASP A 731 -26.46 18.42 -29.63
N PRO A 732 -26.54 19.60 -29.02
CA PRO A 732 -27.61 19.85 -28.04
C PRO A 732 -29.01 19.73 -28.62
N ALA A 733 -29.15 19.74 -29.95
CA ALA A 733 -30.47 19.57 -30.53
C ALA A 733 -30.99 18.15 -30.38
N ILE A 734 -30.09 17.17 -30.26
CA ILE A 734 -30.52 15.79 -30.05
C ILE A 734 -30.97 15.58 -28.61
N TYR A 735 -30.18 16.08 -27.65
CA TYR A 735 -30.55 15.99 -26.25
C TYR A 735 -31.91 16.65 -26.00
N GLU A 736 -32.10 17.87 -26.52
CA GLU A 736 -33.34 18.60 -26.30
C GLU A 736 -34.55 17.81 -26.79
N ARG A 737 -34.39 17.08 -27.90
CA ARG A 737 -35.50 16.33 -28.47
C ARG A 737 -35.85 15.13 -27.60
N VAL A 738 -34.83 14.37 -27.18
CA VAL A 738 -35.06 13.15 -26.41
C VAL A 738 -35.68 13.48 -25.06
N LEU A 739 -35.14 14.49 -24.37
CA LEU A 739 -35.56 14.77 -23.01
C LEU A 739 -36.99 15.29 -22.92
N ALA A 740 -37.56 15.76 -24.03
CA ALA A 740 -38.92 16.29 -23.98
C ALA A 740 -39.96 15.17 -23.81
N GLY A 741 -39.76 14.06 -24.49
CA GLY A 741 -40.69 12.95 -24.39
C GLY A 741 -40.21 11.87 -23.44
N TYR A 742 -39.44 12.26 -22.43
CA TYR A 742 -38.91 11.32 -21.45
C TYR A 742 -39.99 11.05 -20.39
N ASN A 743 -40.47 9.80 -20.34
CA ASN A 743 -41.49 9.43 -19.37
C ASN A 743 -40.83 8.61 -18.27
N PRO A 744 -40.55 9.18 -17.11
CA PRO A 744 -39.89 8.42 -16.04
C PRO A 744 -40.87 7.46 -15.38
N PRO A 745 -40.36 6.41 -14.76
CA PRO A 745 -41.24 5.54 -13.97
C PRO A 745 -41.69 6.25 -12.71
N PRO A 746 -42.99 6.22 -12.41
CA PRO A 746 -43.49 6.97 -11.25
C PRO A 746 -42.82 6.54 -9.95
N PHE A 747 -42.05 7.45 -9.35
CA PHE A 747 -41.33 7.16 -8.12
C PHE A 747 -42.08 7.71 -6.91
N ALA A 748 -42.14 6.90 -5.85
CA ALA A 748 -42.70 7.29 -4.58
C ALA A 748 -41.79 6.70 -3.52
N PRO A 749 -41.33 7.50 -2.55
CA PRO A 749 -40.37 6.98 -1.55
C PRO A 749 -40.92 5.78 -0.80
N LYS A 750 -40.11 4.73 -0.73
CA LYS A 750 -40.52 3.50 -0.09
C LYS A 750 -40.53 3.66 1.42
N SER A 751 -41.33 2.82 2.08
CA SER A 751 -41.41 2.77 3.52
C SER A 751 -40.56 1.60 4.04
N GLY A 752 -40.02 1.76 5.24
CA GLY A 752 -39.22 0.72 5.84
C GLY A 752 -37.85 0.54 5.21
N ILE A 753 -37.20 1.64 4.84
CA ILE A 753 -35.84 1.60 4.31
C ILE A 753 -34.88 2.03 5.41
N LYS A 754 -33.81 1.25 5.60
CA LYS A 754 -32.83 1.49 6.64
C LYS A 754 -31.78 2.45 6.10
N ILE A 755 -31.77 3.67 6.63
CA ILE A 755 -30.77 4.68 6.29
C ILE A 755 -29.79 4.78 7.44
N GLN A 756 -28.52 4.48 7.19
CA GLN A 756 -27.50 4.49 8.23
C GLN A 756 -27.21 5.91 8.70
N VAL A 757 -27.03 6.07 10.00
CA VAL A 757 -26.70 7.37 10.59
C VAL A 757 -25.37 7.30 11.35
N LYS A 772 -31.67 -17.49 -1.79
CA LYS A 772 -30.79 -18.42 -2.51
C LYS A 772 -31.39 -18.77 -3.86
N GLN A 773 -32.52 -19.50 -3.84
CA GLN A 773 -33.25 -19.81 -5.05
C GLN A 773 -33.84 -18.56 -5.70
N GLU A 774 -33.88 -17.44 -4.99
CA GLU A 774 -34.27 -16.17 -5.59
C GLU A 774 -33.24 -15.67 -6.59
N LEU A 775 -31.99 -16.11 -6.46
CA LEU A 775 -30.98 -15.77 -7.44
C LEU A 775 -31.20 -16.54 -8.74
N LYS A 776 -31.70 -17.78 -8.66
CA LYS A 776 -32.09 -18.50 -9.87
C LYS A 776 -33.22 -17.78 -10.59
N SER A 777 -34.07 -17.06 -9.85
CA SER A 777 -35.13 -16.29 -10.48
C SER A 777 -34.57 -15.17 -11.34
N ILE A 778 -33.57 -14.46 -10.82
CA ILE A 778 -32.90 -13.44 -11.63
C ILE A 778 -32.03 -14.09 -12.70
N ALA A 779 -31.41 -15.23 -12.39
CA ALA A 779 -30.60 -15.92 -13.38
C ALA A 779 -31.43 -16.43 -14.55
N ASP A 780 -32.71 -16.73 -14.32
CA ASP A 780 -33.58 -17.12 -15.42
C ASP A 780 -33.93 -15.93 -16.31
N SER A 781 -33.71 -14.71 -15.84
CA SER A 781 -33.87 -13.51 -16.66
C SER A 781 -32.57 -13.11 -17.36
N LEU A 782 -31.52 -13.92 -17.26
CA LEU A 782 -30.26 -13.62 -17.92
C LEU A 782 -30.15 -14.41 -19.22
N PRO A 783 -29.73 -13.80 -20.31
CA PRO A 783 -29.54 -14.55 -21.54
C PRO A 783 -28.43 -15.57 -21.36
N PRO A 784 -28.51 -16.70 -22.03
CA PRO A 784 -27.46 -17.72 -21.92
C PRO A 784 -26.14 -17.19 -22.45
N PRO A 785 -25.03 -17.45 -21.74
CA PRO A 785 -23.73 -16.99 -22.23
C PRO A 785 -23.40 -17.46 -23.63
N SER A 786 -23.99 -18.58 -24.07
CA SER A 786 -23.74 -19.08 -25.41
C SER A 786 -24.38 -18.21 -26.48
N SER A 787 -25.46 -17.51 -26.13
CA SER A 787 -26.17 -16.67 -27.10
C SER A 787 -25.47 -15.35 -27.36
N LEU A 788 -24.39 -15.05 -26.64
CA LEU A 788 -23.67 -13.79 -26.77
C LEU A 788 -22.17 -14.06 -26.83
N VAL A 789 -21.76 -14.83 -27.82
CA VAL A 789 -20.33 -15.12 -28.01
C VAL A 789 -19.70 -13.98 -28.80
N GLY A 790 -18.55 -13.50 -28.31
CA GLY A 790 -17.83 -12.40 -28.91
C GLY A 790 -18.33 -11.03 -28.49
N PHE A 791 -19.61 -10.90 -28.16
CA PHE A 791 -20.15 -9.64 -27.68
C PHE A 791 -19.60 -9.35 -26.30
N ARG A 792 -18.88 -8.24 -26.17
CA ARG A 792 -18.33 -7.82 -24.89
C ARG A 792 -18.70 -6.37 -24.62
N LEU A 793 -18.60 -5.97 -23.35
CA LEU A 793 -18.76 -4.58 -22.95
C LEU A 793 -17.41 -4.03 -22.52
N THR A 794 -17.16 -2.77 -22.86
CA THR A 794 -15.88 -2.14 -22.55
C THR A 794 -15.98 -1.43 -21.20
N PRO A 795 -15.26 -1.87 -20.17
CA PRO A 795 -15.29 -1.16 -18.90
C PRO A 795 -14.57 0.18 -18.98
N ALA A 796 -14.95 1.08 -18.09
CA ALA A 796 -14.37 2.43 -18.03
C ALA A 796 -13.36 2.48 -16.89
N GLU A 797 -12.08 2.55 -17.26
CA GLU A 797 -11.01 2.67 -16.28
C GLU A 797 -10.77 4.15 -15.99
N PHE A 798 -11.01 4.55 -14.74
CA PHE A 798 -10.92 5.95 -14.37
C PHE A 798 -9.54 6.52 -14.70
N GLU A 799 -9.54 7.67 -15.37
CA GLU A 799 -8.30 8.31 -15.80
C GLU A 799 -8.50 9.82 -15.77
N LYS A 800 -7.86 10.49 -14.82
CA LYS A 800 -7.98 11.94 -14.68
C LYS A 800 -7.22 12.71 -15.76
N ASP A 801 -6.17 12.11 -16.33
CA ASP A 801 -5.22 12.84 -17.16
C ASP A 801 -5.70 13.07 -18.59
N ASP A 802 -6.77 12.42 -19.02
CA ASP A 802 -7.33 12.60 -20.36
C ASP A 802 -8.63 13.40 -20.21
N ASP A 803 -8.63 14.63 -20.72
CA ASP A 803 -9.77 15.52 -20.61
C ASP A 803 -10.87 15.25 -21.64
N SER A 804 -10.68 14.25 -22.50
CA SER A 804 -11.65 13.94 -23.54
C SER A 804 -12.47 12.68 -23.27
N ASN A 805 -12.18 11.95 -22.19
CA ASN A 805 -12.88 10.72 -21.87
C ASN A 805 -14.14 10.95 -21.04
N HIS A 806 -14.51 12.20 -20.79
CA HIS A 806 -15.69 12.60 -20.02
C HIS A 806 -15.62 12.19 -18.55
N HIS A 807 -14.49 11.65 -18.08
CA HIS A 807 -14.42 11.16 -16.71
C HIS A 807 -14.51 12.31 -15.71
N ILE A 808 -13.59 13.28 -15.81
CA ILE A 808 -13.62 14.40 -14.89
C ILE A 808 -14.89 15.24 -15.11
N ASP A 809 -15.38 15.32 -16.35
CA ASP A 809 -16.65 15.99 -16.59
C ASP A 809 -17.77 15.35 -15.80
N PHE A 810 -17.78 14.01 -15.71
CA PHE A 810 -18.82 13.32 -14.96
C PHE A 810 -18.69 13.55 -13.46
N ILE A 811 -17.46 13.45 -12.94
CA ILE A 811 -17.24 13.60 -11.51
C ILE A 811 -17.54 15.03 -11.07
N THR A 812 -17.13 16.02 -11.89
CA THR A 812 -17.40 17.41 -11.55
C THR A 812 -18.90 17.69 -11.52
N ALA A 813 -19.63 17.21 -12.53
CA ALA A 813 -21.06 17.48 -12.60
C ALA A 813 -21.83 16.74 -11.52
N ALA A 814 -21.54 15.45 -11.33
CA ALA A 814 -22.22 14.69 -10.29
C ALA A 814 -21.92 15.24 -8.91
N SER A 815 -20.68 15.67 -8.67
CA SER A 815 -20.33 16.26 -7.39
C SER A 815 -21.04 17.60 -7.20
N ASN A 816 -21.05 18.44 -8.23
CA ASN A 816 -21.69 19.74 -8.11
C ASN A 816 -23.21 19.62 -7.98
N LEU A 817 -23.81 18.64 -8.65
CA LEU A 817 -25.25 18.44 -8.53
C LEU A 817 -25.62 17.97 -7.12
N ARG A 818 -24.85 17.05 -6.54
CA ARG A 818 -25.09 16.66 -5.15
C ARG A 818 -24.84 17.83 -4.22
N ALA A 819 -23.82 18.64 -4.50
CA ALA A 819 -23.58 19.83 -3.69
C ALA A 819 -24.76 20.79 -3.75
N MET A 820 -25.37 20.94 -4.93
CA MET A 820 -26.56 21.77 -5.04
C MET A 820 -27.71 21.20 -4.22
N ASN A 821 -27.77 19.87 -4.05
CA ASN A 821 -28.80 19.27 -3.21
C ASN A 821 -28.67 19.75 -1.76
N TYR A 822 -27.49 19.56 -1.17
CA TYR A 822 -27.25 19.88 0.22
C TYR A 822 -26.82 21.32 0.45
N ASP A 823 -26.91 22.16 -0.58
CA ASP A 823 -26.52 23.58 -0.51
C ASP A 823 -25.06 23.71 -0.08
N ILE A 824 -24.17 23.18 -0.90
CA ILE A 824 -22.74 23.26 -0.69
C ILE A 824 -22.12 23.99 -1.86
N THR A 825 -21.13 24.83 -1.60
CA THR A 825 -20.49 25.60 -2.64
C THR A 825 -19.82 24.65 -3.64
N PRO A 826 -20.23 24.66 -4.90
CA PRO A 826 -19.66 23.72 -5.87
C PRO A 826 -18.23 24.08 -6.23
N ALA A 827 -17.53 23.11 -6.83
CA ALA A 827 -16.15 23.26 -7.24
C ALA A 827 -16.04 23.07 -8.76
N ASP A 828 -15.21 23.89 -9.39
CA ASP A 828 -14.96 23.77 -10.82
C ASP A 828 -14.19 22.49 -11.11
N ARG A 829 -13.95 22.23 -12.40
CA ARG A 829 -13.28 21.00 -12.76
C ARG A 829 -11.81 20.99 -12.37
N PHE A 830 -11.23 22.16 -12.06
CA PHE A 830 -9.84 22.20 -11.62
C PHE A 830 -9.70 21.71 -10.19
N LYS A 831 -10.46 22.30 -9.26
CA LYS A 831 -10.43 21.86 -7.87
C LYS A 831 -10.97 20.45 -7.70
N THR A 832 -11.96 20.08 -8.51
CA THR A 832 -12.51 18.72 -8.44
C THR A 832 -11.46 17.71 -8.86
N LYS A 833 -10.74 17.98 -9.96
CA LYS A 833 -9.65 17.10 -10.37
C LYS A 833 -8.59 16.99 -9.29
N PHE A 834 -8.31 18.09 -8.59
CA PHE A 834 -7.29 18.08 -7.56
C PHE A 834 -7.72 17.19 -6.38
N VAL A 835 -8.92 17.40 -5.87
CA VAL A 835 -9.39 16.63 -4.71
C VAL A 835 -9.52 15.16 -5.05
N ALA A 836 -9.88 14.83 -6.29
CA ALA A 836 -10.01 13.43 -6.66
C ALA A 836 -8.66 12.72 -6.71
N GLY A 837 -7.59 13.46 -7.01
CA GLY A 837 -6.27 12.85 -7.10
C GLY A 837 -5.65 12.50 -5.77
N LYS A 838 -6.11 13.13 -4.70
CA LYS A 838 -5.53 12.94 -3.37
C LYS A 838 -6.29 11.94 -2.51
N ILE A 839 -7.26 11.23 -3.09
CA ILE A 839 -8.05 10.29 -2.28
C ILE A 839 -7.94 8.89 -2.86
N VAL A 840 -6.85 8.61 -3.57
CA VAL A 840 -6.62 7.27 -4.12
C VAL A 840 -6.19 6.35 -2.99
N PRO A 841 -6.61 5.08 -3.00
CA PRO A 841 -6.32 4.19 -1.88
C PRO A 841 -4.85 3.81 -1.83
N ALA A 842 -4.47 3.17 -0.73
CA ALA A 842 -3.14 2.60 -0.61
C ALA A 842 -2.99 1.45 -1.58
N MET A 843 -1.84 1.39 -2.25
CA MET A 843 -1.59 0.37 -3.26
C MET A 843 -1.04 -0.89 -2.62
N CYS A 844 -1.53 -2.03 -3.08
CA CYS A 844 -1.07 -3.30 -2.53
C CYS A 844 0.38 -3.57 -2.89
N THR A 845 0.85 -3.07 -4.04
CA THR A 845 2.25 -3.24 -4.41
C THR A 845 3.17 -2.53 -3.42
N SER A 846 2.91 -1.25 -3.16
CA SER A 846 3.68 -0.53 -2.15
C SER A 846 3.55 -1.19 -0.78
N THR A 847 2.34 -1.65 -0.45
CA THR A 847 2.10 -2.23 0.87
C THR A 847 2.89 -3.51 1.05
N ALA A 848 3.02 -4.31 0.00
CA ALA A 848 3.81 -5.53 0.09
C ALA A 848 5.29 -5.21 0.25
N VAL A 849 5.78 -4.21 -0.47
CA VAL A 849 7.21 -3.93 -0.49
C VAL A 849 7.69 -3.45 0.87
N VAL A 850 6.90 -2.61 1.57
CA VAL A 850 7.32 -2.18 2.90
C VAL A 850 7.29 -3.34 3.88
N SER A 851 6.25 -4.18 3.80
CA SER A 851 6.16 -5.31 4.73
C SER A 851 7.34 -6.25 4.56
N GLY A 852 7.81 -6.44 3.33
CA GLY A 852 9.02 -7.22 3.12
C GLY A 852 10.25 -6.52 3.64
N LEU A 853 10.34 -5.20 3.44
CA LEU A 853 11.49 -4.45 3.93
C LEU A 853 11.51 -4.43 5.45
N VAL A 854 10.35 -4.29 6.08
CA VAL A 854 10.29 -4.26 7.54
C VAL A 854 10.75 -5.60 8.12
N CYS A 855 10.31 -6.70 7.51
CA CYS A 855 10.65 -8.02 8.04
C CYS A 855 12.10 -8.39 7.75
N LEU A 856 12.65 -7.91 6.63
CA LEU A 856 14.09 -8.07 6.39
C LEU A 856 14.92 -7.29 7.40
N GLU A 857 14.35 -6.26 8.04
CA GLU A 857 15.00 -5.61 9.17
C GLU A 857 14.58 -6.21 10.50
N LEU A 858 13.50 -6.99 10.52
CA LEU A 858 13.07 -7.64 11.75
C LEU A 858 14.09 -8.66 12.22
N VAL A 859 14.55 -9.53 11.31
CA VAL A 859 15.49 -10.58 11.69
C VAL A 859 16.81 -9.98 12.16
N LYS A 860 17.14 -8.77 11.70
CA LYS A 860 18.32 -8.09 12.23
C LYS A 860 18.13 -7.77 13.71
N LEU A 861 16.92 -7.34 14.09
CA LEU A 861 16.64 -7.06 15.50
C LEU A 861 16.68 -8.32 16.34
N VAL A 862 16.14 -9.42 15.81
CA VAL A 862 16.13 -10.68 16.55
C VAL A 862 17.55 -11.22 16.72
N ASP A 863 18.41 -10.97 15.74
CA ASP A 863 19.81 -11.36 15.86
C ASP A 863 20.57 -10.51 16.85
N GLY A 864 19.99 -9.39 17.30
CA GLY A 864 20.63 -8.52 18.26
C GLY A 864 21.83 -7.79 17.68
N LYS A 865 21.75 -7.37 16.42
CA LYS A 865 22.86 -6.68 15.80
C LYS A 865 23.12 -5.35 16.49
N LYS A 866 24.39 -5.07 16.77
CA LYS A 866 24.80 -3.90 17.52
C LYS A 866 25.61 -2.91 16.71
N LYS A 867 25.80 -3.13 15.42
CA LYS A 867 26.55 -2.22 14.56
C LYS A 867 25.59 -1.51 13.62
N ILE A 868 25.63 -0.17 13.62
CA ILE A 868 24.60 0.61 12.96
C ILE A 868 24.68 0.49 11.44
N GLU A 869 25.82 0.06 10.90
CA GLU A 869 25.95 -0.12 9.46
C GLU A 869 25.19 -1.33 8.94
N GLU A 870 24.78 -2.25 9.82
CA GLU A 870 24.04 -3.45 9.43
C GLU A 870 22.54 -3.23 9.33
N TYR A 871 22.03 -2.12 9.86
CA TYR A 871 20.62 -1.78 9.71
C TYR A 871 20.42 -0.86 8.52
N LYS A 872 19.21 -0.88 7.97
CA LYS A 872 18.90 -0.13 6.76
C LYS A 872 17.53 0.53 6.88
N ASN A 873 17.48 1.83 6.59
CA ASN A 873 16.22 2.54 6.41
C ASN A 873 15.94 2.63 4.92
N GLY A 874 14.81 2.08 4.48
CA GLY A 874 14.48 2.02 3.08
C GLY A 874 13.55 3.13 2.64
N PHE A 875 13.67 3.50 1.37
CA PHE A 875 12.72 4.34 0.68
C PHE A 875 12.69 3.86 -0.76
N PHE A 876 11.51 3.91 -1.37
CA PHE A 876 11.39 3.49 -2.76
C PHE A 876 10.34 4.33 -3.45
N ASN A 877 10.36 4.26 -4.78
CA ASN A 877 9.30 4.83 -5.63
C ASN A 877 9.13 3.84 -6.78
N LEU A 878 8.14 2.96 -6.67
CA LEU A 878 7.95 1.92 -7.68
C LEU A 878 7.66 2.49 -9.06
N ALA A 879 7.18 3.73 -9.13
CA ALA A 879 6.83 4.32 -10.42
C ALA A 879 8.03 4.61 -11.29
N ILE A 880 9.23 4.72 -10.71
CA ILE A 880 10.42 5.05 -11.50
C ILE A 880 11.51 4.03 -11.19
N GLY A 881 11.13 2.93 -10.54
CA GLY A 881 12.10 1.91 -10.18
C GLY A 881 13.23 2.41 -9.30
N LEU A 882 12.94 3.35 -8.39
CA LEU A 882 13.93 3.86 -7.46
C LEU A 882 13.83 3.11 -6.14
N PHE A 883 14.98 2.65 -5.65
CA PHE A 883 15.09 2.02 -4.34
C PHE A 883 16.29 2.60 -3.62
N THR A 884 16.14 2.83 -2.32
CA THR A 884 17.18 3.49 -1.53
C THR A 884 17.28 2.83 -0.16
N PHE A 885 18.50 2.46 0.22
CA PHE A 885 18.78 1.85 1.51
C PHE A 885 19.87 2.65 2.19
N SER A 886 19.52 3.37 3.26
CA SER A 886 20.45 4.23 3.95
C SER A 886 20.60 3.77 5.41
N ASP A 887 21.79 3.97 5.96
CA ASP A 887 22.04 3.60 7.34
C ASP A 887 21.27 4.52 8.28
N PRO A 888 20.82 4.01 9.41
CA PRO A 888 20.20 4.90 10.40
C PRO A 888 21.24 5.81 11.01
N ILE A 889 20.80 7.01 11.36
CA ILE A 889 21.68 7.95 12.03
C ILE A 889 21.89 7.50 13.47
N ALA A 890 23.12 7.62 13.95
CA ALA A 890 23.41 7.26 15.34
C ALA A 890 22.76 8.25 16.29
N SER A 891 22.49 7.78 17.51
CA SER A 891 21.95 8.66 18.52
C SER A 891 23.03 9.65 18.97
N PRO A 892 22.67 10.89 19.27
CA PRO A 892 23.68 11.86 19.73
C PRO A 892 24.18 11.51 21.12
N LYS A 893 25.47 11.76 21.35
CA LYS A 893 26.14 11.33 22.56
C LYS A 893 26.66 12.52 23.35
N MET A 894 26.90 12.29 24.64
CA MET A 894 27.56 13.27 25.48
C MET A 894 28.35 12.53 26.55
N LYS A 895 29.18 13.27 27.27
CA LYS A 895 30.10 12.71 28.25
C LYS A 895 29.78 13.26 29.63
N VAL A 896 29.55 12.36 30.59
CA VAL A 896 29.38 12.70 31.99
C VAL A 896 30.51 12.03 32.75
N ASN A 897 31.44 12.83 33.27
CA ASN A 897 32.62 12.33 33.97
C ASN A 897 33.39 11.33 33.12
N GLY A 898 33.63 11.71 31.85
CA GLY A 898 34.46 10.94 30.96
C GLY A 898 33.81 9.72 30.34
N LYS A 899 32.62 9.34 30.79
CA LYS A 899 31.92 8.20 30.23
C LYS A 899 30.89 8.69 29.21
N GLU A 900 30.81 8.00 28.07
CA GLU A 900 29.84 8.35 27.05
C GLU A 900 28.46 7.85 27.44
N ILE A 901 27.45 8.71 27.28
CA ILE A 901 26.06 8.34 27.53
C ILE A 901 25.22 8.74 26.33
N ASP A 902 24.07 8.10 26.20
CA ASP A 902 23.18 8.27 25.07
C ASP A 902 22.13 9.34 25.41
N LYS A 903 22.19 10.46 24.69
CA LYS A 903 21.25 11.56 24.93
C LYS A 903 19.80 11.15 24.74
N ILE A 904 19.54 10.06 24.02
CA ILE A 904 18.18 9.59 23.76
C ILE A 904 17.80 8.44 24.67
N TRP A 905 18.68 7.43 24.79
CA TRP A 905 18.29 6.15 25.37
C TRP A 905 18.75 5.94 26.80
N ASP A 906 19.74 6.68 27.29
CA ASP A 906 20.23 6.43 28.64
C ASP A 906 19.36 7.15 29.66
N ARG A 907 19.25 6.53 30.84
CA ARG A 907 18.47 7.10 31.93
C ARG A 907 18.87 6.43 33.23
N TYR A 908 18.58 7.11 34.33
CA TYR A 908 18.84 6.56 35.66
C TYR A 908 17.60 5.79 36.11
N ASN A 909 17.75 4.49 36.29
CA ASN A 909 16.68 3.65 36.80
C ASN A 909 16.83 3.52 38.31
N LEU A 910 15.90 4.11 39.05
CA LEU A 910 15.95 4.05 40.50
C LEU A 910 14.67 3.43 41.05
N PRO A 911 14.74 2.71 42.17
CA PRO A 911 13.51 2.20 42.78
C PRO A 911 12.77 3.31 43.53
N ASP A 912 11.59 3.01 44.07
CA ASP A 912 10.86 4.03 44.83
C ASP A 912 11.56 4.31 46.15
N CYS A 913 12.77 4.88 46.10
CA CYS A 913 13.54 5.18 47.28
C CYS A 913 13.11 6.51 47.88
N THR A 914 13.73 6.89 48.99
CA THR A 914 13.42 8.17 49.60
C THR A 914 14.20 9.28 48.91
N LEU A 915 13.75 10.51 49.11
CA LEU A 915 14.43 11.66 48.51
C LEU A 915 15.88 11.74 48.97
N GLN A 916 16.13 11.52 50.27
CA GLN A 916 17.51 11.54 50.76
C GLN A 916 18.34 10.46 50.11
N GLU A 917 17.76 9.26 49.96
CA GLU A 917 18.48 8.15 49.32
C GLU A 917 18.78 8.44 47.86
N LEU A 918 17.90 9.18 47.18
CA LEU A 918 18.14 9.54 45.79
C LEU A 918 19.32 10.51 45.67
N ILE A 919 19.38 11.50 46.57
CA ILE A 919 20.50 12.44 46.56
C ILE A 919 21.80 11.71 46.87
N ASP A 920 21.77 10.79 47.84
CA ASP A 920 22.98 10.05 48.21
C ASP A 920 23.50 9.22 47.05
N TYR A 921 22.60 8.61 46.28
CA TYR A 921 23.00 7.81 45.12
C TYR A 921 23.79 8.66 44.13
N PHE A 922 23.28 9.84 43.79
CA PHE A 922 23.96 10.67 42.80
C PHE A 922 25.28 11.21 43.33
N GLN A 923 25.39 11.40 44.63
CA GLN A 923 26.65 11.91 45.18
C GLN A 923 27.67 10.80 45.36
N LYS A 924 27.24 9.66 45.92
CA LYS A 924 28.18 8.60 46.25
C LYS A 924 28.49 7.71 45.05
N GLU A 925 27.49 7.41 44.21
CA GLU A 925 27.69 6.50 43.09
C GLU A 925 27.83 7.20 41.74
N GLU A 926 27.55 8.49 41.66
CA GLU A 926 27.65 9.21 40.41
C GLU A 926 28.54 10.44 40.45
N GLY A 927 29.01 10.86 41.63
CA GLY A 927 29.81 12.08 41.71
C GLY A 927 29.08 13.31 41.24
N LEU A 928 27.79 13.43 41.55
CA LEU A 928 26.95 14.52 41.09
C LEU A 928 26.13 15.05 42.24
N GLU A 929 26.09 16.38 42.39
CA GLU A 929 25.25 17.05 43.38
C GLU A 929 23.96 17.49 42.69
N VAL A 930 22.85 16.87 43.06
CA VAL A 930 21.56 17.22 42.47
C VAL A 930 21.11 18.57 43.00
N THR A 931 20.87 19.51 42.08
CA THR A 931 20.45 20.86 42.46
C THR A 931 18.97 21.12 42.22
N MET A 932 18.35 20.43 41.25
CA MET A 932 16.94 20.59 40.97
C MET A 932 16.35 19.24 40.61
N LEU A 933 15.21 18.92 41.21
CA LEU A 933 14.49 17.69 40.90
C LEU A 933 13.03 18.05 40.65
N SER A 934 12.46 17.47 39.59
CA SER A 934 11.09 17.82 39.22
C SER A 934 10.41 16.64 38.56
N SER A 935 9.09 16.59 38.72
CA SER A 935 8.22 15.67 37.98
C SER A 935 7.33 16.54 37.10
N GLY A 936 7.67 16.61 35.80
CA GLY A 936 6.97 17.50 34.91
C GLY A 936 7.32 18.96 35.20
N VAL A 937 6.31 19.75 35.57
CA VAL A 937 6.53 21.15 35.95
C VAL A 937 6.55 21.35 37.45
N SER A 938 6.40 20.28 38.23
CA SER A 938 6.29 20.38 39.67
C SER A 938 7.67 20.24 40.29
N LEU A 939 8.12 21.26 41.01
CA LEU A 939 9.42 21.25 41.65
C LEU A 939 9.37 20.33 42.87
N LEU A 940 10.07 19.19 42.79
CA LEU A 940 10.14 18.26 43.90
C LEU A 940 11.24 18.60 44.89
N TYR A 941 12.32 19.22 44.43
CA TYR A 941 13.47 19.44 45.29
C TYR A 941 14.41 20.45 44.64
N ALA A 942 15.05 21.26 45.48
CA ALA A 942 16.07 22.20 45.04
C ALA A 942 17.10 22.32 46.15
N ASN A 943 18.38 22.21 45.80
CA ASN A 943 19.43 22.09 46.81
C ASN A 943 19.58 23.32 47.70
N PHE A 944 18.98 24.45 47.33
CA PHE A 944 19.03 25.65 48.15
C PHE A 944 17.85 25.77 49.10
N GLN A 945 16.92 24.82 49.08
CA GLN A 945 15.73 24.93 49.92
C GLN A 945 16.13 24.78 51.39
N PRO A 946 15.61 25.62 52.28
CA PRO A 946 15.97 25.54 53.69
C PRO A 946 15.48 24.24 54.30
N PRO A 947 16.08 23.79 55.41
CA PRO A 947 15.62 22.54 56.04
C PRO A 947 14.19 22.60 56.54
N LYS A 948 13.58 23.78 56.61
CA LYS A 948 12.15 23.87 56.90
C LYS A 948 11.33 23.21 55.81
N LYS A 949 11.85 23.15 54.58
CA LYS A 949 11.20 22.45 53.48
C LYS A 949 11.69 21.02 53.34
N LEU A 950 12.99 20.78 53.55
CA LEU A 950 13.58 19.49 53.22
C LEU A 950 13.30 18.44 54.29
N ALA A 951 13.31 18.84 55.56
CA ALA A 951 13.21 17.86 56.65
C ALA A 951 11.93 17.05 56.57
N GLU A 952 10.83 17.65 56.10
CA GLU A 952 9.59 16.92 55.95
C GLU A 952 9.53 16.08 54.69
N ARG A 953 10.40 16.36 53.71
CA ARG A 953 10.37 15.68 52.42
C ARG A 953 11.51 14.69 52.22
N LEU A 954 12.66 14.91 52.84
CA LEU A 954 13.80 14.02 52.62
C LEU A 954 13.52 12.56 53.00
N PRO A 955 12.83 12.25 54.10
CA PRO A 955 12.51 10.84 54.39
C PRO A 955 11.35 10.29 53.59
N LEU A 956 10.72 11.08 52.72
CA LEU A 956 9.59 10.58 51.94
C LEU A 956 10.06 9.81 50.71
N LYS A 957 9.34 8.73 50.40
CA LYS A 957 9.53 8.07 49.12
C LYS A 957 9.15 9.02 47.98
N ILE A 958 9.80 8.84 46.83
CA ILE A 958 9.56 9.73 45.71
C ILE A 958 8.08 9.73 45.34
N SER A 959 7.47 8.54 45.30
CA SER A 959 6.05 8.45 45.00
C SER A 959 5.22 9.17 46.06
N GLU A 960 5.67 9.13 47.32
CA GLU A 960 4.99 9.89 48.36
C GLU A 960 5.31 11.38 48.24
N LEU A 961 6.53 11.72 47.82
CA LEU A 961 6.89 13.11 47.61
C LEU A 961 6.09 13.71 46.46
N VAL A 962 5.87 12.94 45.39
CA VAL A 962 5.13 13.45 44.23
C VAL A 962 3.66 13.67 44.58
N GLU A 963 3.04 12.69 45.25
CA GLU A 963 1.63 12.80 45.62
C GLU A 963 1.37 13.97 46.58
N GLN A 964 2.38 14.39 47.34
CA GLN A 964 2.24 15.49 48.28
C GLN A 964 2.37 16.87 47.63
N ILE A 965 3.22 17.02 46.61
CA ILE A 965 3.50 18.33 46.03
C ILE A 965 2.29 18.85 45.27
N THR A 966 2.01 18.29 44.09
CA THR A 966 0.96 18.82 43.24
C THR A 966 -0.44 18.47 43.73
N LYS A 967 -0.55 17.77 44.87
CA LYS A 967 -1.85 17.40 45.46
C LYS A 967 -2.69 16.59 44.49
N LYS A 968 -2.20 15.39 44.20
CA LYS A 968 -2.90 14.46 43.33
C LYS A 968 -2.46 13.05 43.67
N LYS A 969 -3.41 12.13 43.68
CA LYS A 969 -3.11 10.73 43.91
C LYS A 969 -2.60 10.10 42.62
N LEU A 970 -1.59 9.25 42.74
CA LEU A 970 -1.07 8.56 41.56
C LEU A 970 -2.11 7.58 41.04
N GLU A 971 -2.32 7.60 39.73
CA GLU A 971 -3.31 6.73 39.10
C GLU A 971 -2.93 5.27 39.35
N PRO A 972 -3.91 4.36 39.37
CA PRO A 972 -3.62 2.97 39.77
C PRO A 972 -2.54 2.30 38.93
N PHE A 973 -2.64 2.37 37.59
CA PHE A 973 -1.66 1.74 36.71
C PHE A 973 -0.58 2.71 36.25
N ARG A 974 -0.19 3.64 37.12
CA ARG A 974 0.96 4.50 36.90
C ARG A 974 2.14 3.81 37.58
N LYS A 975 2.78 2.90 36.86
CA LYS A 975 3.80 2.01 37.42
C LYS A 975 5.19 2.61 37.43
N HIS A 976 5.39 3.78 36.82
CA HIS A 976 6.70 4.42 36.81
C HIS A 976 6.53 5.91 37.08
N LEU A 977 7.66 6.58 37.28
CA LEU A 977 7.66 8.02 37.54
C LEU A 977 8.85 8.63 36.85
N VAL A 978 8.60 9.55 35.92
CA VAL A 978 9.66 10.22 35.17
C VAL A 978 10.03 11.50 35.89
N LEU A 979 11.30 11.64 36.25
CA LEU A 979 11.80 12.83 36.91
C LEU A 979 12.85 13.51 36.06
N GLU A 980 12.83 14.85 36.05
CA GLU A 980 13.88 15.66 35.47
C GLU A 980 14.81 16.12 36.58
N ILE A 981 16.09 16.20 36.28
CA ILE A 981 17.11 16.47 37.29
C ILE A 981 18.21 17.35 36.72
N CYS A 982 18.64 18.33 37.50
CA CYS A 982 19.78 19.18 37.20
C CYS A 982 20.89 18.89 38.20
N CYS A 983 22.11 18.70 37.70
CA CYS A 983 23.23 18.27 38.52
C CYS A 983 24.42 19.20 38.35
N ASP A 984 25.24 19.26 39.41
CA ASP A 984 26.54 19.89 39.37
C ASP A 984 27.61 18.83 39.62
N ASP A 985 28.80 19.07 39.10
CA ASP A 985 29.91 18.17 39.34
C ASP A 985 30.61 18.55 40.65
N ALA A 986 31.87 18.14 40.81
CA ALA A 986 32.57 18.43 42.06
C ALA A 986 32.97 19.89 42.19
N ASN A 987 33.00 20.65 41.09
CA ASN A 987 33.46 22.03 41.10
C ASN A 987 32.32 23.03 41.00
N GLY A 988 31.07 22.58 41.07
CA GLY A 988 29.93 23.48 41.10
C GLY A 988 29.38 23.90 39.76
N GLU A 989 29.86 23.32 38.66
CA GLU A 989 29.38 23.64 37.33
C GLU A 989 28.33 22.62 36.90
N ASP A 990 27.32 23.10 36.17
CA ASP A 990 26.21 22.24 35.80
C ASP A 990 26.60 21.27 34.69
N VAL A 991 26.34 19.99 34.90
CA VAL A 991 26.62 18.94 33.93
C VAL A 991 25.29 18.36 33.48
N GLU A 992 25.09 18.28 32.16
CA GLU A 992 23.86 17.76 31.60
C GLU A 992 23.75 16.26 31.83
N VAL A 993 22.67 15.81 32.46
CA VAL A 993 22.50 14.38 32.76
C VAL A 993 21.12 13.93 32.29
N PRO A 994 20.95 12.64 32.03
CA PRO A 994 19.64 12.14 31.57
C PRO A 994 18.58 12.23 32.66
N PHE A 995 17.35 11.95 32.25
CA PHE A 995 16.23 11.96 33.18
C PHE A 995 16.29 10.72 34.06
N ILE A 996 15.44 10.72 35.10
CA ILE A 996 15.36 9.62 36.06
C ILE A 996 14.05 8.88 35.84
N CYS A 997 14.08 7.56 35.99
CA CYS A 997 12.89 6.72 35.92
C CYS A 997 12.75 6.00 37.25
N ILE A 998 11.78 6.42 38.06
CA ILE A 998 11.49 5.77 39.33
C ILE A 998 10.58 4.58 39.04
N LYS A 999 11.09 3.37 39.29
CA LYS A 999 10.31 2.14 39.09
C LYS A 999 9.57 1.84 40.39
N LEU A 1000 8.36 2.37 40.50
CA LEU A 1000 7.55 2.14 41.68
C LEU A 1000 6.72 0.86 41.54
S SO4 B . -5.91 0.71 5.04
O1 SO4 B . -6.37 -0.67 4.93
O2 SO4 B . -4.75 0.78 5.90
O3 SO4 B . -5.58 1.21 3.71
O4 SO4 B . -6.99 1.53 5.60
C10 8EA C . 7.16 -30.10 -16.60
C13 8EA C . 5.63 -26.41 -24.38
C15 8EA C . 6.25 -25.65 -25.54
C17 8EA C . 12.04 -26.11 -13.12
C20 8EA C . 13.12 -26.11 -10.83
C21 8EA C . 10.99 -27.56 -9.75
C22 8EA C . 13.14 -26.46 -9.49
CL 8EA C . 12.07 -27.61 -7.29
S02 8EA C . 10.93 -27.29 -15.94
S03 8EA C . 10.44 -26.57 -13.99
N04 8EA C . 9.47 -31.03 -17.01
C05 8EA C . 6.23 -28.61 -19.94
C06 8EA C . 6.85 -28.47 -18.55
C07 8EA C . 6.97 -27.78 -21.01
C08 8EA C . 6.16 -29.38 -17.51
C09 8EA C . 6.24 -27.80 -22.36
C11 8EA C . 6.66 -26.63 -23.25
C12 8EA C . 8.01 -31.14 -17.39
C14 8EA C . 10.08 -29.68 -17.24
C16 8EA C . 10.81 -29.16 -15.97
C18 8EA C . 12.04 -26.49 -11.66
C19 8EA C . 10.99 -27.21 -11.10
C23 8EA C . 12.07 -27.18 -8.97
C14 8E7 D . 7.16 18.10 29.81
C13 8E7 D . 8.24 18.52 30.80
C12 8E7 D . 8.42 20.03 30.80
C11 8E7 D . 9.88 20.44 30.59
C10 8E7 D . 10.01 21.66 29.67
S01 8E7 D . 18.04 20.51 33.96
C02 8E7 D . 16.36 19.83 34.02
C03 8E7 D . 15.57 20.35 32.82
N04 8E7 D . 14.44 21.15 33.26
C05 8E7 D . 14.67 22.53 32.89
C06 8E7 D . 14.40 22.71 31.40
C07 8E7 D . 13.06 23.38 31.14
C08 8E7 D . 11.96 22.33 31.10
C09 8E7 D . 10.70 22.81 30.38
#